data_1E8M
#
_entry.id   1E8M
#
_cell.length_a   71.100
_cell.length_b   100.100
_cell.length_c   111.300
_cell.angle_alpha   90.00
_cell.angle_beta   90.00
_cell.angle_gamma   90.00
#
_symmetry.space_group_name_H-M   'P 21 21 21'
#
loop_
_entity.id
_entity.type
_entity.pdbx_description
1 polymer 'PROLYL ENDOPEPTIDASE'
2 non-polymer GLYCEROL
3 non-polymer N-[(benzyloxy)carbonyl]glycyl-L-proline
4 water water
#
_entity_poly.entity_id   1
_entity_poly.type   'polypeptide(L)'
_entity_poly.pdbx_seq_one_letter_code
;MLSFQYPDVYRDETAIQDYHGHKVCDPYAWLEDPDSEQTKAFVEAQNKITVPFLEQCPIRGLYKERMTELYDYPKYSCHF
KKGKRYFYFYNTGLQNQRVLYVQDSLEGEARVFLDPNILSDDGTVALRGYAFSEDGEYFAYGLSASGSDWVTIKFMKVDG
AKELPDVLERVKFSCMAWTHDGKGMFYNAYPQQDGKSDGTETSTNLHQKLYYHVLGTDQSEDILCAEFPDEPKWMGGAEL
SDDGRYVLLSIREGCDPVNRLWYCDLQQESNGITGILKWVKLIDNFEGEYDYVTNEGTVFTFKTNRHSPNYRLINIDFTD
PEESKWKVLVPEHEKDVLEWVACVRSNFLVLCYLHDVKNTLQLHDLATGALLKIFPLEVGSVVGYSGQKKDTEIFYQFTS
FLSPGIIYHCDLTKEELEPRVFREVTVKGIDASDYQTVQIFYPSKDGTKIPMFIVHKKGIKLDGSHPAFLYGYGGFNISI
TPNYSVSRLIFVRHMGGVLAVANIRGGGEYGETWHKGGILANKQNCFDDFQCAAEYLIKEGYTSPKRLTINGGANGGLLV
ATCANQRPDLFGCVIAQVGVMDMLKFHKYTIGHAWTTDYGCSDSKQHFEWLIKYSPLHNVKLPEADDIQYPSMLLLTADH
DDRVVPLHSLKFIATLQYIVGRSRKQNNPLLIHVDTKAGHGAGKPTAKVIEEVSDMFAFIARCLNIDWIP
;
_entity_poly.pdbx_strand_id   A
#
loop_
_chem_comp.id
_chem_comp.type
_chem_comp.name
_chem_comp.formula
GOL non-polymer GLYCEROL 'C3 H8 O3'
P0H peptide-like N-[(benzyloxy)carbonyl]glycyl-L-proline 'C15 H18 N2 O5'
#
# COMPACT_ATOMS: atom_id res chain seq x y z
N MET A 1 -7.03 -21.85 -28.88
CA MET A 1 -7.58 -20.90 -27.87
C MET A 1 -7.35 -19.45 -28.34
N LEU A 2 -6.16 -19.14 -28.85
CA LEU A 2 -5.85 -17.80 -29.32
C LEU A 2 -6.38 -17.51 -30.74
N SER A 3 -7.60 -16.99 -30.78
CA SER A 3 -8.25 -16.65 -32.04
C SER A 3 -8.14 -15.16 -32.36
N PHE A 4 -7.20 -14.48 -31.68
CA PHE A 4 -7.00 -13.05 -31.89
C PHE A 4 -5.60 -12.80 -32.44
N GLN A 5 -5.36 -11.60 -32.94
CA GLN A 5 -4.04 -11.24 -33.45
C GLN A 5 -3.55 -10.00 -32.69
N TYR A 6 -2.26 -9.99 -32.36
CA TYR A 6 -1.69 -8.85 -31.65
C TYR A 6 -1.65 -7.61 -32.54
N PRO A 7 -1.96 -6.45 -31.95
CA PRO A 7 -1.97 -5.18 -32.68
C PRO A 7 -0.59 -4.79 -33.24
N ASP A 8 -0.62 -4.00 -34.31
CA ASP A 8 0.58 -3.45 -34.93
C ASP A 8 1.03 -2.38 -33.94
N VAL A 9 2.32 -2.39 -33.62
CA VAL A 9 2.90 -1.43 -32.71
C VAL A 9 4.26 -1.01 -33.30
N TYR A 10 4.36 0.26 -33.67
CA TYR A 10 5.59 0.77 -34.28
C TYR A 10 6.78 0.70 -33.35
N ARG A 11 7.92 0.30 -33.92
CA ARG A 11 9.17 0.22 -33.17
C ARG A 11 10.09 1.36 -33.60
N ASP A 12 10.41 2.25 -32.68
CA ASP A 12 11.32 3.32 -33.01
C ASP A 12 12.74 2.78 -32.80
N GLU A 13 13.31 2.22 -33.86
CA GLU A 13 14.64 1.63 -33.79
C GLU A 13 15.78 2.63 -33.66
N THR A 14 15.46 3.92 -33.68
CA THR A 14 16.48 4.96 -33.52
C THR A 14 16.60 5.39 -32.05
N ALA A 15 15.70 4.90 -31.22
CA ALA A 15 15.71 5.25 -29.80
C ALA A 15 16.76 4.47 -29.05
N ILE A 16 17.98 4.99 -29.05
CA ILE A 16 19.11 4.33 -28.39
C ILE A 16 19.73 5.29 -27.38
N GLN A 17 19.97 4.80 -26.17
CA GLN A 17 20.60 5.61 -25.14
C GLN A 17 21.78 4.84 -24.58
N ASP A 18 22.85 5.57 -24.27
CA ASP A 18 24.02 4.92 -23.71
C ASP A 18 23.99 5.06 -22.19
N TYR A 19 24.07 3.92 -21.53
CA TYR A 19 24.11 3.89 -20.08
C TYR A 19 25.49 3.38 -19.68
N HIS A 20 26.39 4.31 -19.40
CA HIS A 20 27.74 3.95 -18.96
C HIS A 20 28.44 3.00 -19.92
N GLY A 21 28.28 3.24 -21.21
CA GLY A 21 28.91 2.38 -22.21
C GLY A 21 28.00 1.27 -22.73
N HIS A 22 26.92 1.00 -21.99
CA HIS A 22 25.96 -0.04 -22.36
C HIS A 22 24.89 0.63 -23.21
N LYS A 23 24.77 0.23 -24.46
CA LYS A 23 23.77 0.81 -25.34
C LYS A 23 22.43 0.12 -25.10
N VAL A 24 21.40 0.91 -24.84
CA VAL A 24 20.06 0.38 -24.59
C VAL A 24 19.05 0.93 -25.60
N CYS A 25 18.39 0.04 -26.31
CA CYS A 25 17.38 0.41 -27.28
C CYS A 25 16.03 0.45 -26.56
N ASP A 26 15.23 1.46 -26.84
CA ASP A 26 13.91 1.58 -26.19
C ASP A 26 12.93 1.92 -27.33
N PRO A 27 12.63 0.95 -28.21
CA PRO A 27 11.72 1.15 -29.34
C PRO A 27 10.29 1.62 -29.09
N TYR A 28 9.83 1.45 -27.85
CA TYR A 28 8.47 1.85 -27.49
C TYR A 28 8.48 3.06 -26.56
N ALA A 29 9.57 3.83 -26.59
CA ALA A 29 9.69 5.03 -25.77
C ALA A 29 8.50 5.97 -25.99
N TRP A 30 7.94 5.96 -27.20
CA TRP A 30 6.82 6.84 -27.50
C TRP A 30 5.57 6.58 -26.67
N LEU A 31 5.47 5.40 -26.08
CA LEU A 31 4.31 5.07 -25.23
C LEU A 31 4.39 5.82 -23.89
N GLU A 32 5.49 6.55 -23.68
CA GLU A 32 5.66 7.36 -22.46
C GLU A 32 4.77 8.60 -22.51
N ASP A 33 4.25 8.93 -23.69
CA ASP A 33 3.37 10.08 -23.82
C ASP A 33 1.93 9.59 -23.76
N PRO A 34 1.24 9.78 -22.62
CA PRO A 34 -0.15 9.33 -22.50
C PRO A 34 -1.16 10.07 -23.37
N ASP A 35 -0.78 11.25 -23.83
CA ASP A 35 -1.73 12.05 -24.61
C ASP A 35 -1.70 11.96 -26.11
N SER A 36 -0.72 11.27 -26.66
CA SER A 36 -0.64 11.18 -28.12
C SER A 36 -1.71 10.27 -28.72
N GLU A 37 -2.05 10.54 -29.98
CA GLU A 37 -3.01 9.70 -30.68
C GLU A 37 -2.47 8.28 -30.82
N GLN A 38 -1.13 8.16 -30.94
CA GLN A 38 -0.47 6.87 -31.09
C GLN A 38 -0.66 6.04 -29.82
N THR A 39 -0.45 6.66 -28.66
CA THR A 39 -0.61 5.94 -27.40
C THR A 39 -2.06 5.59 -27.13
N LYS A 40 -2.97 6.53 -27.40
CA LYS A 40 -4.38 6.24 -27.21
C LYS A 40 -4.84 5.09 -28.13
N ALA A 41 -4.35 5.08 -29.36
CA ALA A 41 -4.72 4.04 -30.31
C ALA A 41 -4.19 2.68 -29.85
N PHE A 42 -2.99 2.70 -29.26
CA PHE A 42 -2.35 1.50 -28.73
C PHE A 42 -3.23 0.91 -27.63
N VAL A 43 -3.62 1.75 -26.67
CA VAL A 43 -4.46 1.29 -25.56
C VAL A 43 -5.78 0.71 -26.07
N GLU A 44 -6.42 1.41 -27.01
CA GLU A 44 -7.68 0.96 -27.57
C GLU A 44 -7.53 -0.43 -28.22
N ALA A 45 -6.48 -0.58 -29.03
CA ALA A 45 -6.22 -1.84 -29.74
C ALA A 45 -5.94 -3.00 -28.80
N GLN A 46 -5.24 -2.72 -27.70
CA GLN A 46 -4.92 -3.77 -26.74
C GLN A 46 -6.19 -4.19 -25.99
N ASN A 47 -6.98 -3.23 -25.53
CA ASN A 47 -8.21 -3.56 -24.82
C ASN A 47 -9.17 -4.32 -25.74
N LYS A 48 -9.11 -3.99 -27.03
CA LYS A 48 -9.99 -4.61 -28.03
C LYS A 48 -9.80 -6.13 -28.10
N ILE A 49 -8.58 -6.61 -27.89
CA ILE A 49 -8.38 -8.06 -27.92
C ILE A 49 -8.52 -8.69 -26.54
N THR A 50 -8.15 -7.93 -25.50
CA THR A 50 -8.23 -8.48 -24.15
C THR A 50 -9.63 -8.72 -23.61
N VAL A 51 -10.52 -7.76 -23.81
CA VAL A 51 -11.86 -7.88 -23.26
C VAL A 51 -12.61 -9.12 -23.78
N PRO A 52 -12.59 -9.37 -25.10
CA PRO A 52 -13.31 -10.57 -25.55
C PRO A 52 -12.65 -11.84 -25.03
N PHE A 53 -11.34 -11.83 -24.88
CA PHE A 53 -10.66 -13.02 -24.38
C PHE A 53 -11.13 -13.35 -22.96
N LEU A 54 -11.30 -12.31 -22.15
CA LEU A 54 -11.71 -12.47 -20.75
C LEU A 54 -13.18 -12.78 -20.57
N GLU A 55 -14.02 -12.30 -21.48
CA GLU A 55 -15.46 -12.47 -21.40
C GLU A 55 -16.03 -13.66 -22.19
N GLN A 56 -15.21 -14.31 -23.01
CA GLN A 56 -15.70 -15.44 -23.81
C GLN A 56 -16.30 -16.59 -23.02
N CYS A 57 -15.56 -17.05 -22.03
CA CYS A 57 -15.99 -18.18 -21.20
C CYS A 57 -16.99 -17.77 -20.12
N PRO A 58 -18.00 -18.62 -19.86
CA PRO A 58 -19.03 -18.39 -18.85
C PRO A 58 -18.45 -18.15 -17.45
N ILE A 59 -17.22 -18.63 -17.23
CA ILE A 59 -16.60 -18.50 -15.91
C ILE A 59 -16.49 -17.07 -15.38
N ARG A 60 -16.25 -16.09 -16.24
CA ARG A 60 -16.16 -14.71 -15.75
C ARG A 60 -17.46 -14.26 -15.11
N GLY A 61 -18.58 -14.55 -15.79
CA GLY A 61 -19.88 -14.19 -15.25
C GLY A 61 -20.22 -14.95 -13.99
N LEU A 62 -19.82 -16.22 -13.93
CA LEU A 62 -20.08 -17.06 -12.76
C LEU A 62 -19.28 -16.50 -11.57
N TYR A 63 -18.02 -16.18 -11.84
CA TYR A 63 -17.16 -15.64 -10.80
C TYR A 63 -17.73 -14.31 -10.32
N LYS A 64 -18.08 -13.44 -11.26
CA LYS A 64 -18.63 -12.13 -10.93
C LYS A 64 -19.90 -12.20 -10.09
N GLU A 65 -20.78 -13.13 -10.42
CA GLU A 65 -22.03 -13.29 -9.70
C GLU A 65 -21.74 -13.75 -8.26
N ARG A 66 -20.84 -14.72 -8.13
CA ARG A 66 -20.49 -15.23 -6.81
C ARG A 66 -19.78 -14.16 -5.97
N MET A 67 -18.90 -13.37 -6.61
CA MET A 67 -18.18 -12.30 -5.90
C MET A 67 -19.17 -11.24 -5.41
N THR A 68 -20.14 -10.92 -6.26
CA THR A 68 -21.14 -9.92 -5.92
C THR A 68 -21.99 -10.40 -4.73
N GLU A 69 -22.29 -11.69 -4.70
CA GLU A 69 -23.05 -12.25 -3.61
C GLU A 69 -22.26 -12.32 -2.28
N LEU A 70 -21.09 -12.95 -2.32
CA LEU A 70 -20.26 -13.12 -1.12
C LEU A 70 -19.61 -11.85 -0.58
N TYR A 71 -19.29 -10.91 -1.45
CA TYR A 71 -18.69 -9.66 -0.99
C TYR A 71 -19.76 -8.74 -0.38
N ASP A 72 -21.02 -9.12 -0.57
CA ASP A 72 -22.13 -8.34 -0.04
C ASP A 72 -22.37 -8.69 1.44
N TYR A 73 -21.55 -8.10 2.29
CA TYR A 73 -21.66 -8.27 3.74
C TYR A 73 -21.32 -6.93 4.37
N PRO A 74 -21.94 -6.63 5.52
CA PRO A 74 -21.69 -5.36 6.22
C PRO A 74 -20.23 -5.20 6.60
N LYS A 75 -19.63 -4.07 6.25
CA LYS A 75 -18.23 -3.80 6.53
C LYS A 75 -18.07 -2.53 7.38
N TYR A 76 -17.59 -2.72 8.61
CA TYR A 76 -17.40 -1.62 9.55
C TYR A 76 -15.93 -1.42 9.87
N SER A 77 -15.58 -0.18 10.20
CA SER A 77 -14.24 0.17 10.67
C SER A 77 -14.50 0.29 12.19
N CYS A 78 -13.45 0.35 12.99
CA CYS A 78 -13.71 0.51 14.41
C CYS A 78 -14.11 1.96 14.68
N HIS A 79 -14.80 2.18 15.80
CA HIS A 79 -15.22 3.51 16.18
C HIS A 79 -14.00 4.30 16.63
N PHE A 80 -14.10 5.61 16.54
CA PHE A 80 -13.06 6.50 17.05
C PHE A 80 -13.80 7.73 17.54
N LYS A 81 -13.35 8.29 18.66
CA LYS A 81 -14.00 9.45 19.23
C LYS A 81 -13.24 10.73 18.93
N LYS A 82 -13.98 11.80 18.60
CA LYS A 82 -13.37 13.11 18.35
C LYS A 82 -14.29 14.09 19.07
N GLY A 83 -13.75 14.80 20.05
CA GLY A 83 -14.59 15.72 20.81
C GLY A 83 -15.63 14.89 21.56
N LYS A 84 -16.88 15.36 21.50
CA LYS A 84 -17.99 14.70 22.19
C LYS A 84 -18.68 13.61 21.35
N ARG A 85 -18.20 13.39 20.13
CA ARG A 85 -18.83 12.41 19.23
C ARG A 85 -18.01 11.21 18.80
N TYR A 86 -18.72 10.14 18.41
CA TYR A 86 -18.08 8.93 17.90
C TYR A 86 -18.30 8.87 16.40
N PHE A 87 -17.31 8.30 15.71
CA PHE A 87 -17.36 8.17 14.26
C PHE A 87 -16.93 6.78 13.84
N TYR A 88 -17.44 6.31 12.71
CA TYR A 88 -17.03 5.02 12.16
C TYR A 88 -17.40 4.98 10.71
N PHE A 89 -16.65 4.19 9.95
CA PHE A 89 -16.93 4.01 8.52
C PHE A 89 -17.76 2.74 8.38
N TYR A 90 -18.67 2.73 7.42
CA TYR A 90 -19.53 1.58 7.22
C TYR A 90 -20.01 1.50 5.78
N ASN A 91 -19.97 0.29 5.23
CA ASN A 91 -20.44 0.01 3.88
C ASN A 91 -21.49 -1.08 4.07
N THR A 92 -22.73 -0.81 3.65
CA THR A 92 -23.79 -1.78 3.81
C THR A 92 -23.46 -3.12 3.15
N GLY A 93 -22.56 -3.08 2.17
CA GLY A 93 -22.14 -4.30 1.49
C GLY A 93 -21.56 -4.06 0.12
N LEU A 94 -22.33 -3.44 -0.76
CA LEU A 94 -21.91 -3.18 -2.14
C LEU A 94 -21.88 -1.72 -2.54
N GLN A 95 -21.90 -0.81 -1.58
CA GLN A 95 -21.79 0.60 -1.90
C GLN A 95 -20.41 0.79 -2.53
N ASN A 96 -20.28 1.72 -3.45
CA ASN A 96 -19.00 1.95 -4.11
C ASN A 96 -17.92 2.43 -3.16
N GLN A 97 -18.32 3.27 -2.21
CA GLN A 97 -17.42 3.84 -1.21
C GLN A 97 -18.05 3.69 0.17
N ARG A 98 -17.22 3.42 1.18
CA ARG A 98 -17.73 3.31 2.53
C ARG A 98 -18.12 4.73 2.98
N VAL A 99 -19.09 4.80 3.88
CA VAL A 99 -19.64 6.04 4.39
C VAL A 99 -19.21 6.32 5.83
N LEU A 100 -18.92 7.59 6.12
CA LEU A 100 -18.51 8.00 7.47
C LEU A 100 -19.77 8.37 8.23
N TYR A 101 -19.98 7.73 9.38
CA TYR A 101 -21.13 7.97 10.25
C TYR A 101 -20.69 8.63 11.55
N VAL A 102 -21.63 9.29 12.20
CA VAL A 102 -21.40 9.99 13.46
C VAL A 102 -22.54 9.70 14.42
N GLN A 103 -22.21 9.64 15.71
CA GLN A 103 -23.23 9.46 16.74
C GLN A 103 -22.75 10.22 17.94
N ASP A 104 -23.68 10.81 18.67
CA ASP A 104 -23.35 11.62 19.82
C ASP A 104 -23.01 10.83 21.09
N SER A 105 -23.18 9.51 21.02
CA SER A 105 -22.87 8.60 22.11
C SER A 105 -22.91 7.20 21.52
N LEU A 106 -22.23 6.25 22.17
CA LEU A 106 -22.20 4.87 21.70
C LEU A 106 -23.60 4.25 21.54
N GLU A 107 -24.54 4.66 22.42
CA GLU A 107 -25.93 4.19 22.37
C GLU A 107 -26.80 5.01 21.41
N GLY A 108 -26.38 6.25 21.15
CA GLY A 108 -27.12 7.12 20.24
C GLY A 108 -27.28 6.65 18.80
N GLU A 109 -28.34 7.12 18.15
CA GLU A 109 -28.60 6.74 16.75
C GLU A 109 -27.53 7.40 15.90
N ALA A 110 -26.96 6.62 15.00
CA ALA A 110 -25.92 7.14 14.12
C ALA A 110 -26.58 7.76 12.91
N ARG A 111 -25.90 8.74 12.33
CA ARG A 111 -26.41 9.41 11.14
C ARG A 111 -25.24 9.60 10.17
N VAL A 112 -25.56 9.70 8.89
CA VAL A 112 -24.57 9.89 7.85
C VAL A 112 -23.86 11.21 8.09
N PHE A 113 -22.52 11.16 8.08
CA PHE A 113 -21.70 12.35 8.26
C PHE A 113 -21.08 12.75 6.93
N LEU A 114 -20.46 11.80 6.24
CA LEU A 114 -19.87 12.09 4.94
C LEU A 114 -20.09 10.86 4.04
N ASP A 115 -20.82 11.06 2.95
CA ASP A 115 -21.13 9.98 2.01
C ASP A 115 -20.49 10.29 0.65
N PRO A 116 -19.32 9.69 0.36
CA PRO A 116 -18.66 9.95 -0.92
C PRO A 116 -19.44 9.45 -2.15
N ASN A 117 -20.37 8.52 -1.93
CA ASN A 117 -21.13 7.98 -3.06
C ASN A 117 -21.93 9.01 -3.82
N ILE A 118 -22.37 10.06 -3.14
CA ILE A 118 -23.17 11.07 -3.83
C ILE A 118 -22.33 12.06 -4.62
N LEU A 119 -21.01 11.90 -4.56
CA LEU A 119 -20.11 12.78 -5.29
C LEU A 119 -19.86 12.31 -6.73
N SER A 120 -20.25 11.09 -7.06
CA SER A 120 -20.10 10.57 -8.44
C SER A 120 -21.04 9.38 -8.73
N ASP A 121 -21.50 9.24 -9.98
CA ASP A 121 -22.37 8.14 -10.40
C ASP A 121 -21.64 6.80 -10.22
N ASP A 122 -20.37 6.79 -10.56
CA ASP A 122 -19.56 5.56 -10.54
C ASP A 122 -18.65 5.35 -9.34
N GLY A 123 -18.74 6.23 -8.34
CA GLY A 123 -17.93 6.08 -7.15
C GLY A 123 -16.44 6.28 -7.35
N THR A 124 -16.05 7.09 -8.33
CA THR A 124 -14.65 7.37 -8.59
C THR A 124 -14.08 8.58 -7.84
N VAL A 125 -14.88 9.17 -6.96
CA VAL A 125 -14.40 10.27 -6.12
C VAL A 125 -14.34 9.61 -4.75
N ALA A 126 -13.17 9.62 -4.16
CA ALA A 126 -12.99 8.96 -2.88
C ALA A 126 -12.26 9.81 -1.86
N LEU A 127 -12.51 9.50 -0.60
CA LEU A 127 -11.83 10.17 0.50
C LEU A 127 -10.35 9.69 0.49
N ARG A 128 -9.43 10.64 0.66
CA ARG A 128 -8.01 10.35 0.76
C ARG A 128 -7.44 11.26 1.83
N GLY A 129 -7.48 10.77 3.06
CA GLY A 129 -6.97 11.51 4.21
C GLY A 129 -7.99 12.43 4.84
N TYR A 130 -7.83 12.67 6.14
CA TYR A 130 -8.71 13.59 6.86
C TYR A 130 -8.12 13.94 8.21
N ALA A 131 -8.60 15.02 8.82
CA ALA A 131 -8.13 15.41 10.14
C ALA A 131 -9.20 16.25 10.82
N PHE A 132 -9.51 15.86 12.04
CA PHE A 132 -10.45 16.60 12.86
C PHE A 132 -9.67 17.62 13.67
N SER A 133 -10.30 18.74 13.98
CA SER A 133 -9.66 19.74 14.84
C SER A 133 -9.53 19.07 16.23
N GLU A 134 -8.65 19.60 17.07
CA GLU A 134 -8.43 19.01 18.41
C GLU A 134 -9.71 18.89 19.24
N ASP A 135 -10.61 19.87 19.15
CA ASP A 135 -11.87 19.79 19.90
C ASP A 135 -12.96 18.96 19.19
N GLY A 136 -12.63 18.47 18.01
CA GLY A 136 -13.56 17.64 17.24
C GLY A 136 -14.76 18.36 16.60
N GLU A 137 -14.74 19.68 16.61
CA GLU A 137 -15.84 20.46 16.05
C GLU A 137 -15.69 20.81 14.58
N TYR A 138 -14.48 20.65 14.04
CA TYR A 138 -14.22 20.95 12.64
C TYR A 138 -13.53 19.76 11.99
N PHE A 139 -13.72 19.64 10.68
CA PHE A 139 -13.22 18.48 9.96
C PHE A 139 -12.69 18.87 8.58
N ALA A 140 -11.50 18.39 8.27
CA ALA A 140 -10.88 18.62 6.97
C ALA A 140 -10.77 17.23 6.31
N TYR A 141 -11.03 17.14 5.01
CA TYR A 141 -10.95 15.85 4.33
C TYR A 141 -10.47 16.00 2.91
N GLY A 142 -9.65 15.06 2.46
CA GLY A 142 -9.15 15.09 1.11
C GLY A 142 -10.01 14.26 0.18
N LEU A 143 -10.17 14.74 -1.04
CA LEU A 143 -10.91 14.03 -2.08
C LEU A 143 -10.00 13.82 -3.28
N SER A 144 -10.00 12.60 -3.80
CA SER A 144 -9.21 12.26 -5.00
C SER A 144 -10.17 11.76 -6.06
N ALA A 145 -9.95 12.21 -7.30
CA ALA A 145 -10.80 11.79 -8.41
C ALA A 145 -10.11 10.79 -9.34
N SER A 146 -10.85 9.77 -9.72
CA SER A 146 -10.37 8.74 -10.63
C SER A 146 -9.12 7.99 -10.18
N GLY A 147 -8.94 7.93 -8.87
CA GLY A 147 -7.81 7.20 -8.31
C GLY A 147 -6.46 7.89 -8.27
N SER A 148 -6.43 9.15 -8.67
CA SER A 148 -5.18 9.91 -8.67
C SER A 148 -4.70 10.20 -7.24
N ASP A 149 -3.39 10.36 -7.08
CA ASP A 149 -2.84 10.74 -5.77
C ASP A 149 -3.16 12.21 -5.46
N TRP A 150 -3.49 13.00 -6.48
CA TRP A 150 -3.82 14.41 -6.25
C TRP A 150 -5.03 14.51 -5.35
N VAL A 151 -4.97 15.45 -4.42
CA VAL A 151 -6.02 15.67 -3.43
C VAL A 151 -6.52 17.13 -3.41
N THR A 152 -7.81 17.28 -3.15
CA THR A 152 -8.44 18.59 -2.95
C THR A 152 -8.96 18.49 -1.52
N ILE A 153 -8.49 19.37 -0.64
CA ILE A 153 -8.96 19.34 0.74
C ILE A 153 -10.17 20.25 0.93
N LYS A 154 -11.22 19.70 1.50
CA LYS A 154 -12.43 20.46 1.79
C LYS A 154 -12.68 20.45 3.30
N PHE A 155 -13.60 21.29 3.77
CA PHE A 155 -13.85 21.43 5.19
C PHE A 155 -15.33 21.43 5.57
N MET A 156 -15.61 21.02 6.81
CA MET A 156 -16.98 20.96 7.34
C MET A 156 -17.00 21.29 8.83
N LYS A 157 -18.11 21.91 9.27
CA LYS A 157 -18.30 22.14 10.70
C LYS A 157 -19.04 20.86 11.10
N VAL A 158 -18.53 20.18 12.11
CA VAL A 158 -19.11 18.90 12.52
C VAL A 158 -20.57 18.96 12.94
N ASP A 159 -20.91 19.89 13.82
CA ASP A 159 -22.28 20.06 14.29
C ASP A 159 -23.15 20.46 13.09
N GLY A 160 -24.04 19.57 12.69
CA GLY A 160 -24.91 19.85 11.55
C GLY A 160 -24.30 19.48 10.20
N ALA A 161 -23.07 18.96 10.20
CA ALA A 161 -22.37 18.57 8.96
C ALA A 161 -22.47 19.66 7.89
N LYS A 162 -22.09 20.86 8.29
CA LYS A 162 -22.14 22.04 7.42
C LYS A 162 -20.92 22.19 6.55
N GLU A 163 -21.14 22.29 5.24
CA GLU A 163 -20.04 22.51 4.32
C GLU A 163 -19.52 23.94 4.47
N LEU A 164 -18.20 24.07 4.51
CA LEU A 164 -17.52 25.35 4.62
C LEU A 164 -16.95 25.69 3.24
N PRO A 165 -16.62 26.96 2.99
CA PRO A 165 -16.08 27.39 1.70
C PRO A 165 -14.63 27.04 1.40
N ASP A 166 -13.84 26.79 2.44
CA ASP A 166 -12.40 26.49 2.29
C ASP A 166 -12.11 25.32 1.39
N VAL A 167 -11.24 25.55 0.41
CA VAL A 167 -10.83 24.53 -0.54
C VAL A 167 -9.34 24.71 -0.81
N LEU A 168 -8.58 23.62 -0.66
CA LEU A 168 -7.14 23.64 -0.87
C LEU A 168 -6.77 22.74 -2.04
N GLU A 169 -6.06 23.31 -3.00
CA GLU A 169 -5.63 22.60 -4.21
C GLU A 169 -4.12 22.33 -4.22
N ARG A 170 -3.68 21.51 -5.19
CA ARG A 170 -2.28 21.15 -5.39
C ARG A 170 -1.71 20.30 -4.23
N VAL A 171 -2.60 19.65 -3.49
CA VAL A 171 -2.22 18.83 -2.35
C VAL A 171 -1.86 17.40 -2.83
N LYS A 172 -0.75 16.86 -2.34
CA LYS A 172 -0.32 15.51 -2.70
C LYS A 172 0.69 15.05 -1.64
N PHE A 173 0.59 13.78 -1.23
CA PHE A 173 1.47 13.15 -0.23
C PHE A 173 1.53 14.09 0.98
N SER A 174 0.35 14.52 1.41
CA SER A 174 0.24 15.49 2.47
C SER A 174 -0.15 15.01 3.86
N CYS A 175 0.32 15.78 4.83
CA CYS A 175 0.01 15.64 6.25
C CYS A 175 -1.20 16.56 6.42
N MET A 176 -1.99 16.35 7.48
CA MET A 176 -3.11 17.26 7.82
C MET A 176 -3.09 17.35 9.32
N ALA A 177 -2.80 18.54 9.84
CA ALA A 177 -2.71 18.68 11.30
C ALA A 177 -3.20 20.05 11.76
N TRP A 178 -4.25 20.06 12.57
CA TRP A 178 -4.79 21.31 13.11
C TRP A 178 -4.03 21.79 14.34
N THR A 179 -3.80 23.10 14.44
CA THR A 179 -3.18 23.64 15.65
C THR A 179 -4.30 23.57 16.72
N HIS A 180 -3.92 23.39 17.98
CA HIS A 180 -4.90 23.24 19.04
C HIS A 180 -5.72 24.47 19.36
N ASP A 181 -5.30 25.62 18.84
CA ASP A 181 -6.09 26.84 19.04
C ASP A 181 -7.28 26.86 18.08
N GLY A 182 -7.38 25.85 17.21
CA GLY A 182 -8.48 25.73 16.25
C GLY A 182 -8.49 26.79 15.15
N LYS A 183 -7.38 27.51 15.00
CA LYS A 183 -7.31 28.57 14.01
C LYS A 183 -7.09 28.08 12.58
N GLY A 184 -6.33 27.02 12.44
CA GLY A 184 -6.03 26.55 11.10
C GLY A 184 -5.38 25.20 11.07
N MET A 185 -4.90 24.83 9.90
CA MET A 185 -4.32 23.50 9.70
C MET A 185 -3.11 23.47 8.78
N PHE A 186 -2.11 22.68 9.18
CA PHE A 186 -0.91 22.47 8.38
C PHE A 186 -1.22 21.42 7.32
N TYR A 187 -0.65 21.58 6.12
CA TYR A 187 -0.83 20.62 5.04
C TYR A 187 0.32 20.85 4.04
N ASN A 188 0.48 19.95 3.07
CA ASN A 188 1.53 20.07 2.05
C ASN A 188 0.96 20.33 0.67
N ALA A 189 1.72 21.06 -0.14
CA ALA A 189 1.29 21.33 -1.51
C ALA A 189 2.50 21.49 -2.42
N TYR A 190 2.28 21.26 -3.72
CA TYR A 190 3.35 21.38 -4.71
C TYR A 190 3.11 22.63 -5.55
N PRO A 191 4.20 23.26 -6.02
CA PRO A 191 4.10 24.47 -6.85
C PRO A 191 3.34 24.16 -8.14
N GLN A 192 2.91 25.20 -8.83
CA GLN A 192 2.22 25.05 -10.08
C GLN A 192 3.16 24.44 -11.11
N GLN A 193 2.58 23.70 -12.05
CA GLN A 193 3.34 23.06 -13.10
C GLN A 193 2.56 23.13 -14.41
N ASP A 194 3.29 23.15 -15.52
CA ASP A 194 2.68 23.19 -16.83
C ASP A 194 2.07 21.83 -17.12
N GLY A 195 1.07 21.81 -18.00
CA GLY A 195 0.42 20.56 -18.33
C GLY A 195 -0.64 20.24 -17.30
N LYS A 196 -1.09 18.99 -17.29
CA LYS A 196 -2.13 18.54 -16.37
C LYS A 196 -1.65 18.09 -15.01
N SER A 197 -2.59 18.15 -14.06
CA SER A 197 -2.37 17.69 -12.70
C SER A 197 -3.65 16.96 -12.30
N ASP A 198 -3.96 15.90 -13.05
CA ASP A 198 -5.17 15.12 -12.81
C ASP A 198 -4.93 13.63 -12.67
N GLY A 199 -3.67 13.24 -12.73
CA GLY A 199 -3.34 11.83 -12.60
C GLY A 199 -2.95 11.16 -13.91
N THR A 200 -3.18 11.84 -15.04
CA THR A 200 -2.82 11.28 -16.35
C THR A 200 -1.45 11.77 -16.80
N GLU A 201 -0.91 12.77 -16.13
CA GLU A 201 0.40 13.30 -16.48
C GLU A 201 1.49 12.42 -15.85
N THR A 202 2.73 12.57 -16.31
CA THR A 202 3.85 11.78 -15.77
C THR A 202 4.90 12.69 -15.11
N SER A 203 4.63 14.00 -15.09
CA SER A 203 5.55 14.97 -14.53
C SER A 203 6.04 14.63 -13.14
N THR A 204 7.33 14.77 -12.92
CA THR A 204 7.95 14.49 -11.63
C THR A 204 7.50 15.52 -10.60
N ASN A 205 7.34 15.08 -9.35
CA ASN A 205 6.88 15.94 -8.26
C ASN A 205 8.02 16.34 -7.36
N LEU A 206 8.36 17.62 -7.38
CA LEU A 206 9.45 18.16 -6.59
C LEU A 206 9.05 19.47 -5.90
N HIS A 207 9.87 19.86 -4.92
CA HIS A 207 9.65 21.10 -4.18
C HIS A 207 8.35 21.14 -3.39
N GLN A 208 8.02 20.04 -2.72
CA GLN A 208 6.82 20.02 -1.88
C GLN A 208 7.06 21.00 -0.72
N LYS A 209 6.04 21.81 -0.41
CA LYS A 209 6.12 22.81 0.64
C LYS A 209 5.18 22.49 1.80
N LEU A 210 5.44 23.12 2.95
CA LEU A 210 4.59 22.97 4.14
C LEU A 210 3.88 24.31 4.31
N TYR A 211 2.55 24.27 4.29
CA TYR A 211 1.73 25.47 4.43
C TYR A 211 0.81 25.40 5.65
N TYR A 212 0.33 26.56 6.07
CA TYR A 212 -0.60 26.64 7.18
C TYR A 212 -1.82 27.40 6.65
N HIS A 213 -2.99 26.75 6.70
CA HIS A 213 -4.22 27.39 6.24
C HIS A 213 -5.06 27.88 7.40
N VAL A 214 -5.39 29.17 7.40
CA VAL A 214 -6.25 29.73 8.44
C VAL A 214 -7.71 29.49 7.98
N LEU A 215 -8.50 28.82 8.80
CA LEU A 215 -9.88 28.56 8.44
C LEU A 215 -10.64 29.88 8.19
N GLY A 216 -11.37 29.93 7.07
CA GLY A 216 -12.15 31.11 6.72
C GLY A 216 -11.47 32.09 5.79
N THR A 217 -10.36 31.66 5.20
CA THR A 217 -9.58 32.49 4.29
C THR A 217 -9.36 31.75 2.97
N ASP A 218 -8.87 32.48 1.98
CA ASP A 218 -8.57 31.89 0.68
C ASP A 218 -7.20 31.21 0.77
N GLN A 219 -7.01 30.12 0.03
CA GLN A 219 -5.73 29.41 0.01
C GLN A 219 -4.54 30.32 -0.35
N SER A 220 -4.82 31.35 -1.14
CA SER A 220 -3.76 32.27 -1.54
C SER A 220 -3.15 33.01 -0.36
N GLU A 221 -3.88 33.05 0.75
CA GLU A 221 -3.38 33.73 1.94
C GLU A 221 -2.56 32.79 2.83
N ASP A 222 -2.48 31.50 2.46
CA ASP A 222 -1.74 30.55 3.30
C ASP A 222 -0.29 30.88 3.60
N ILE A 223 0.12 30.55 4.83
CA ILE A 223 1.47 30.84 5.29
C ILE A 223 2.46 29.72 4.95
N LEU A 224 3.59 30.10 4.36
CA LEU A 224 4.65 29.14 4.03
C LEU A 224 5.47 28.97 5.31
N CYS A 225 5.44 27.76 5.88
CA CYS A 225 6.14 27.47 7.13
C CYS A 225 7.47 26.72 7.02
N ALA A 226 7.67 25.99 5.93
CA ALA A 226 8.91 25.26 5.70
C ALA A 226 9.03 24.95 4.22
N GLU A 227 10.24 25.07 3.68
CA GLU A 227 10.51 24.75 2.28
C GLU A 227 11.98 24.40 2.19
N PHE A 228 12.33 23.59 1.20
CA PHE A 228 13.70 23.11 1.03
C PHE A 228 14.11 23.25 -0.45
N PRO A 229 14.24 24.49 -0.95
CA PRO A 229 14.61 24.73 -2.36
C PRO A 229 15.94 24.15 -2.83
N ASP A 230 16.87 23.90 -1.91
CA ASP A 230 18.16 23.31 -2.29
C ASP A 230 18.11 21.79 -2.26
N GLU A 231 16.98 21.23 -1.80
CA GLU A 231 16.80 19.78 -1.70
C GLU A 231 15.37 19.48 -2.20
N PRO A 232 15.19 19.49 -3.53
CA PRO A 232 13.92 19.26 -4.21
C PRO A 232 13.14 18.01 -3.85
N LYS A 233 13.82 16.97 -3.38
CA LYS A 233 13.15 15.71 -3.05
C LYS A 233 12.65 15.63 -1.61
N TRP A 234 13.07 16.56 -0.75
CA TRP A 234 12.65 16.53 0.65
C TRP A 234 11.15 16.79 0.81
N MET A 235 10.52 16.11 1.76
CA MET A 235 9.08 16.24 2.03
C MET A 235 8.92 16.35 3.54
N GLY A 236 8.45 17.50 4.01
CA GLY A 236 8.28 17.75 5.44
C GLY A 236 6.85 17.67 5.91
N GLY A 237 6.56 16.64 6.69
CA GLY A 237 5.22 16.42 7.21
C GLY A 237 5.10 16.92 8.64
N ALA A 238 4.02 17.66 8.91
CA ALA A 238 3.81 18.24 10.23
C ALA A 238 2.73 17.55 11.04
N GLU A 239 2.95 17.54 12.35
CA GLU A 239 2.00 16.99 13.30
C GLU A 239 2.17 17.79 14.58
N LEU A 240 1.09 17.93 15.33
CA LEU A 240 1.16 18.64 16.61
C LEU A 240 1.34 17.65 17.74
N SER A 241 2.15 18.01 18.71
CA SER A 241 2.33 17.18 19.90
C SER A 241 0.95 17.08 20.60
N ASP A 242 0.79 16.07 21.43
CA ASP A 242 -0.47 15.81 22.13
C ASP A 242 -0.99 16.97 22.97
N ASP A 243 -0.07 17.75 23.51
CA ASP A 243 -0.42 18.91 24.34
C ASP A 243 -0.58 20.19 23.53
N GLY A 244 -0.44 20.07 22.21
CA GLY A 244 -0.58 21.20 21.30
C GLY A 244 0.52 22.26 21.34
N ARG A 245 1.56 22.02 22.13
CA ARG A 245 2.63 22.99 22.27
C ARG A 245 3.66 23.02 21.14
N TYR A 246 3.94 21.87 20.55
CA TYR A 246 4.96 21.79 19.52
C TYR A 246 4.50 21.27 18.17
N VAL A 247 5.03 21.86 17.11
CA VAL A 247 4.78 21.35 15.76
C VAL A 247 6.02 20.48 15.52
N LEU A 248 5.83 19.21 15.17
CA LEU A 248 6.94 18.30 14.88
C LEU A 248 6.98 18.11 13.36
N LEU A 249 8.15 18.34 12.77
CA LEU A 249 8.33 18.23 11.33
C LEU A 249 9.19 17.00 11.02
N SER A 250 8.60 16.01 10.33
CA SER A 250 9.33 14.80 9.95
C SER A 250 9.68 14.97 8.49
N ILE A 251 10.96 15.11 8.20
CA ILE A 251 11.40 15.30 6.82
C ILE A 251 11.88 13.98 6.24
N ARG A 252 11.32 13.63 5.10
CA ARG A 252 11.69 12.40 4.42
C ARG A 252 12.27 12.67 3.04
N GLU A 253 13.17 11.79 2.61
CA GLU A 253 13.71 11.91 1.26
C GLU A 253 13.87 10.47 0.80
N GLY A 254 12.99 10.04 -0.08
CA GLY A 254 13.07 8.65 -0.49
C GLY A 254 12.10 7.84 0.33
N CYS A 255 12.26 6.53 0.27
CA CYS A 255 11.35 5.60 0.94
C CYS A 255 11.84 4.81 2.14
N ASP A 256 13.07 5.02 2.58
CA ASP A 256 13.54 4.27 3.74
C ASP A 256 12.83 4.77 5.00
N PRO A 257 12.72 3.90 6.01
CA PRO A 257 12.06 4.27 7.27
C PRO A 257 13.06 5.10 8.10
N VAL A 258 13.25 6.34 7.65
CA VAL A 258 14.14 7.29 8.32
C VAL A 258 13.57 8.67 8.11
N ASN A 259 13.95 9.60 8.97
CA ASN A 259 13.48 10.98 8.84
C ASN A 259 14.26 11.94 9.71
N ARG A 260 14.38 13.17 9.23
CA ARG A 260 14.97 14.22 10.07
C ARG A 260 13.76 14.56 10.99
N LEU A 261 14.04 15.12 12.18
CA LEU A 261 12.98 15.52 13.10
C LEU A 261 13.32 16.91 13.63
N TRP A 262 12.51 17.89 13.23
CA TRP A 262 12.68 19.27 13.70
C TRP A 262 11.44 19.62 14.51
N TYR A 263 11.55 20.54 15.45
CA TYR A 263 10.37 20.93 16.21
C TYR A 263 10.28 22.42 16.34
N CYS A 264 9.08 22.89 16.62
CA CYS A 264 8.85 24.32 16.83
C CYS A 264 7.95 24.46 18.03
N ASP A 265 8.46 25.11 19.09
CA ASP A 265 7.65 25.36 20.27
C ASP A 265 6.80 26.57 19.85
N LEU A 266 5.51 26.36 19.65
CA LEU A 266 4.62 27.42 19.19
C LEU A 266 4.57 28.66 20.09
N GLN A 267 4.79 28.43 21.39
CA GLN A 267 4.81 29.47 22.42
C GLN A 267 5.94 30.45 22.13
N GLN A 268 7.01 29.95 21.54
CA GLN A 268 8.17 30.80 21.24
C GLN A 268 8.09 31.58 19.93
N GLU A 269 7.02 31.42 19.16
CA GLU A 269 6.89 32.19 17.94
C GLU A 269 6.68 33.65 18.31
N SER A 270 7.34 34.55 17.59
CA SER A 270 7.26 35.97 17.87
C SER A 270 5.86 36.58 17.86
N ASN A 271 4.98 36.06 17.00
CA ASN A 271 3.61 36.54 16.91
C ASN A 271 2.74 35.54 16.16
N GLY A 272 2.65 34.33 16.67
CA GLY A 272 1.85 33.30 16.02
C GLY A 272 2.53 32.82 14.76
N ILE A 273 1.80 32.06 13.95
CA ILE A 273 2.32 31.53 12.69
C ILE A 273 2.19 32.60 11.60
N THR A 274 3.33 33.21 11.27
CA THR A 274 3.35 34.30 10.29
C THR A 274 4.33 34.07 9.14
N GLY A 275 5.12 33.00 9.22
CA GLY A 275 6.07 32.72 8.15
C GLY A 275 6.88 31.47 8.49
N ILE A 276 8.13 31.42 8.04
CA ILE A 276 9.00 30.27 8.32
C ILE A 276 9.15 30.19 9.84
N LEU A 277 8.79 29.04 10.41
CA LEU A 277 8.85 28.87 11.86
C LEU A 277 10.28 28.80 12.42
N LYS A 278 10.43 29.03 13.72
CA LYS A 278 11.74 28.96 14.36
C LYS A 278 12.07 27.49 14.63
N TRP A 279 12.32 26.74 13.58
CA TRP A 279 12.62 25.32 13.72
C TRP A 279 13.90 25.05 14.50
N VAL A 280 13.83 24.08 15.41
CA VAL A 280 14.98 23.60 16.19
C VAL A 280 15.25 22.23 15.55
N LYS A 281 16.43 22.08 14.99
CA LYS A 281 16.78 20.85 14.28
C LYS A 281 17.33 19.75 15.16
N LEU A 282 16.42 19.13 15.92
CA LEU A 282 16.73 18.07 16.87
C LEU A 282 17.55 16.93 16.26
N ILE A 283 17.00 16.32 15.21
CA ILE A 283 17.68 15.23 14.51
C ILE A 283 17.78 15.74 13.08
N ASP A 284 18.97 16.16 12.69
CA ASP A 284 19.18 16.75 11.39
C ASP A 284 19.97 15.89 10.41
N ASN A 285 19.50 14.66 10.23
CA ASN A 285 20.12 13.72 9.29
C ASN A 285 19.07 12.65 9.00
N PHE A 286 19.35 11.78 8.04
CA PHE A 286 18.42 10.71 7.64
C PHE A 286 18.93 9.34 8.10
N GLU A 287 19.60 9.29 9.24
CA GLU A 287 20.14 8.02 9.72
C GLU A 287 19.16 7.10 10.44
N GLY A 288 18.03 7.62 10.90
CA GLY A 288 17.11 6.76 11.61
C GLY A 288 15.66 7.28 11.59
N GLU A 289 14.72 6.39 12.00
CA GLU A 289 13.35 6.90 12.03
C GLU A 289 12.97 7.30 13.45
N TYR A 290 12.19 8.39 13.57
CA TYR A 290 11.75 8.90 14.88
C TYR A 290 10.27 9.22 14.68
N ASP A 291 9.42 8.32 15.17
CA ASP A 291 7.96 8.39 15.02
C ASP A 291 7.39 8.80 16.38
N TYR A 292 6.81 9.99 16.44
CA TYR A 292 6.26 10.52 17.67
C TYR A 292 5.15 9.70 18.27
N VAL A 293 5.31 9.36 19.55
CA VAL A 293 4.29 8.61 20.28
C VAL A 293 3.55 9.55 21.22
N THR A 294 4.28 10.26 22.09
CA THR A 294 3.65 11.20 23.01
C THR A 294 4.76 11.97 23.71
N ASN A 295 4.38 12.96 24.51
CA ASN A 295 5.37 13.68 25.29
C ASN A 295 4.77 14.06 26.63
N GLU A 296 5.64 14.33 27.58
CA GLU A 296 5.27 14.80 28.91
C GLU A 296 6.26 15.95 29.11
N GLY A 297 5.78 17.16 28.88
CA GLY A 297 6.65 18.32 28.97
C GLY A 297 7.69 18.20 27.86
N THR A 298 8.96 18.33 28.23
CA THR A 298 10.02 18.25 27.23
C THR A 298 10.51 16.82 26.95
N VAL A 299 9.96 15.81 27.63
CA VAL A 299 10.37 14.41 27.40
C VAL A 299 9.48 13.79 26.33
N PHE A 300 10.08 13.56 25.16
CA PHE A 300 9.39 13.02 24.00
C PHE A 300 9.65 11.54 23.77
N THR A 301 8.58 10.77 23.64
CA THR A 301 8.69 9.35 23.40
C THR A 301 8.54 9.08 21.90
N PHE A 302 9.54 8.42 21.32
CA PHE A 302 9.53 8.09 19.90
C PHE A 302 9.76 6.59 19.66
N LYS A 303 9.10 6.08 18.64
CA LYS A 303 9.37 4.71 18.20
C LYS A 303 10.53 4.96 17.23
N THR A 304 11.61 4.18 17.34
CA THR A 304 12.77 4.39 16.46
C THR A 304 13.38 3.08 16.02
N ASN A 305 14.17 3.14 14.96
CA ASN A 305 14.92 1.99 14.49
C ASN A 305 16.42 2.35 14.53
N ARG A 306 16.77 3.47 15.18
CA ARG A 306 18.17 3.90 15.30
C ARG A 306 18.95 2.79 16.04
N HIS A 307 19.84 2.11 15.31
CA HIS A 307 20.62 0.98 15.81
C HIS A 307 19.74 -0.08 16.46
N SER A 308 18.51 -0.18 15.97
CA SER A 308 17.52 -1.13 16.48
C SER A 308 16.63 -1.51 15.29
N PRO A 309 17.12 -2.43 14.45
CA PRO A 309 16.31 -2.81 13.29
C PRO A 309 14.92 -3.43 13.52
N ASN A 310 14.67 -3.95 14.72
CA ASN A 310 13.35 -4.50 15.05
C ASN A 310 12.48 -3.45 15.76
N TYR A 311 13.04 -2.25 15.89
CA TYR A 311 12.39 -1.10 16.52
C TYR A 311 12.30 -1.13 18.04
N ARG A 312 12.27 0.05 18.65
CA ARG A 312 12.18 0.17 20.10
C ARG A 312 11.61 1.54 20.45
N LEU A 313 11.38 1.77 21.74
CA LEU A 313 10.89 3.07 22.19
C LEU A 313 11.93 3.77 23.02
N ILE A 314 12.20 5.02 22.66
CA ILE A 314 13.18 5.84 23.37
C ILE A 314 12.53 7.15 23.81
N ASN A 315 13.11 7.76 24.85
CA ASN A 315 12.68 9.05 25.32
C ASN A 315 13.82 10.03 25.08
N ILE A 316 13.53 11.12 24.36
CA ILE A 316 14.50 12.18 24.09
C ILE A 316 13.95 13.41 24.82
N ASP A 317 14.76 13.97 25.71
CA ASP A 317 14.40 15.16 26.45
C ASP A 317 14.94 16.35 25.66
N PHE A 318 14.07 17.23 25.20
CA PHE A 318 14.51 18.40 24.43
C PHE A 318 15.50 19.28 25.19
N THR A 319 15.50 19.19 26.53
CA THR A 319 16.42 20.01 27.33
C THR A 319 17.79 19.37 27.53
N ASP A 320 17.96 18.13 27.08
CA ASP A 320 19.23 17.40 27.20
C ASP A 320 19.15 16.42 26.02
N PRO A 321 19.17 16.98 24.80
CA PRO A 321 19.05 16.22 23.56
C PRO A 321 20.12 15.29 22.97
N GLU A 322 21.33 15.33 23.47
CA GLU A 322 22.39 14.47 22.92
C GLU A 322 22.04 12.99 23.01
N GLU A 323 22.38 12.24 21.96
CA GLU A 323 22.06 10.82 21.91
C GLU A 323 22.51 9.99 23.11
N SER A 324 23.69 10.30 23.65
CA SER A 324 24.20 9.57 24.81
C SER A 324 23.27 9.71 26.03
N LYS A 325 22.38 10.69 26.00
CA LYS A 325 21.47 10.91 27.12
C LYS A 325 20.07 10.31 26.94
N TRP A 326 19.75 9.84 25.74
CA TRP A 326 18.42 9.27 25.52
C TRP A 326 18.16 8.09 26.43
N LYS A 327 16.90 7.93 26.82
CA LYS A 327 16.53 6.80 27.67
C LYS A 327 15.79 5.75 26.84
N VAL A 328 16.15 4.49 27.04
CA VAL A 328 15.48 3.41 26.33
C VAL A 328 14.31 3.01 27.21
N LEU A 329 13.10 3.33 26.75
CA LEU A 329 11.89 3.04 27.50
C LEU A 329 11.43 1.58 27.35
N VAL A 330 11.39 1.09 26.10
CA VAL A 330 11.00 -0.29 25.79
C VAL A 330 12.08 -0.78 24.84
N PRO A 331 13.02 -1.59 25.31
CA PRO A 331 14.09 -2.09 24.46
C PRO A 331 13.62 -2.89 23.25
N GLU A 332 14.52 -3.00 22.28
CA GLU A 332 14.27 -3.75 21.05
C GLU A 332 14.17 -5.24 21.37
N HIS A 333 13.21 -5.92 20.74
CA HIS A 333 13.06 -7.36 20.91
C HIS A 333 14.09 -8.04 19.99
N GLU A 334 14.58 -9.21 20.37
CA GLU A 334 15.57 -9.90 19.56
C GLU A 334 15.06 -10.31 18.17
N LYS A 335 13.76 -10.52 18.03
CA LYS A 335 13.24 -10.93 16.74
C LYS A 335 11.93 -10.27 16.31
N ASP A 336 11.03 -10.03 17.26
CA ASP A 336 9.73 -9.42 16.97
C ASP A 336 9.81 -7.94 16.65
N VAL A 337 9.16 -7.54 15.57
CA VAL A 337 9.15 -6.16 15.13
C VAL A 337 8.08 -5.36 15.86
N LEU A 338 8.45 -4.21 16.42
CA LEU A 338 7.48 -3.33 17.06
C LEU A 338 6.91 -2.51 15.89
N GLU A 339 5.69 -2.87 15.45
CA GLU A 339 5.06 -2.25 14.29
C GLU A 339 4.58 -0.84 14.50
N TRP A 340 3.88 -0.62 15.60
CA TRP A 340 3.36 0.71 15.92
C TRP A 340 3.04 0.81 17.39
N VAL A 341 2.96 2.05 17.86
CA VAL A 341 2.68 2.34 19.26
C VAL A 341 1.74 3.54 19.36
N ALA A 342 0.81 3.49 20.29
CA ALA A 342 -0.11 4.60 20.51
C ALA A 342 -0.16 4.90 22.00
N CYS A 343 -0.40 6.15 22.35
CA CYS A 343 -0.54 6.53 23.76
C CYS A 343 -2.01 6.79 23.99
N VAL A 344 -2.54 6.23 25.07
CA VAL A 344 -3.97 6.38 25.38
C VAL A 344 -4.14 6.51 26.90
N ARG A 345 -5.24 7.15 27.30
CA ARG A 345 -5.56 7.35 28.71
C ARG A 345 -4.40 7.94 29.51
N SER A 346 -3.78 8.95 28.92
CA SER A 346 -2.67 9.70 29.48
C SER A 346 -1.36 8.93 29.66
N ASN A 347 -1.39 7.86 30.44
CA ASN A 347 -0.17 7.12 30.73
C ASN A 347 -0.07 5.66 30.31
N PHE A 348 -0.86 5.26 29.32
CA PHE A 348 -0.77 3.90 28.80
C PHE A 348 -0.22 3.96 27.38
N LEU A 349 0.48 2.90 27.00
CA LEU A 349 1.01 2.77 25.65
C LEU A 349 0.50 1.46 25.11
N VAL A 350 -0.05 1.48 23.90
CA VAL A 350 -0.52 0.29 23.23
C VAL A 350 0.58 -0.07 22.23
N LEU A 351 1.17 -1.26 22.37
CA LEU A 351 2.25 -1.72 21.50
C LEU A 351 1.75 -2.88 20.63
N CYS A 352 1.97 -2.79 19.32
CA CYS A 352 1.58 -3.85 18.41
C CYS A 352 2.85 -4.44 17.82
N TYR A 353 3.06 -5.73 18.06
CA TYR A 353 4.24 -6.44 17.56
C TYR A 353 3.87 -7.40 16.44
N LEU A 354 4.87 -7.74 15.62
CA LEU A 354 4.72 -8.72 14.56
C LEU A 354 5.65 -9.88 14.94
N HIS A 355 5.03 -11.00 15.29
CA HIS A 355 5.74 -12.21 15.71
C HIS A 355 5.52 -13.25 14.61
N ASP A 356 6.56 -13.56 13.86
CA ASP A 356 6.46 -14.48 12.74
C ASP A 356 5.25 -14.19 11.86
N VAL A 357 5.13 -12.93 11.48
CA VAL A 357 4.10 -12.45 10.55
C VAL A 357 2.66 -12.47 11.07
N LYS A 358 2.52 -12.46 12.40
CA LYS A 358 1.22 -12.45 13.05
C LYS A 358 1.28 -11.36 14.11
N ASN A 359 0.18 -10.64 14.30
CA ASN A 359 0.20 -9.58 15.29
C ASN A 359 -0.11 -9.98 16.73
N THR A 360 0.46 -9.21 17.65
CA THR A 360 0.18 -9.36 19.07
C THR A 360 -0.14 -7.92 19.50
N LEU A 361 -0.86 -7.75 20.61
CA LEU A 361 -1.22 -6.41 21.06
C LEU A 361 -1.12 -6.41 22.57
N GLN A 362 -0.49 -5.38 23.11
CA GLN A 362 -0.33 -5.30 24.55
C GLN A 362 -0.28 -3.87 25.06
N LEU A 363 -0.53 -3.74 26.36
CA LEU A 363 -0.58 -2.45 27.04
C LEU A 363 0.60 -2.33 27.99
N HIS A 364 1.29 -1.21 27.92
CA HIS A 364 2.46 -0.93 28.76
C HIS A 364 2.27 0.40 29.49
N ASP A 365 3.02 0.55 30.58
CA ASP A 365 3.01 1.79 31.39
C ASP A 365 3.92 2.82 30.71
N LEU A 366 3.45 4.06 30.57
CA LEU A 366 4.29 5.08 29.94
C LEU A 366 5.55 5.45 30.73
N ALA A 367 5.42 5.55 32.05
CA ALA A 367 6.58 5.94 32.86
C ALA A 367 7.74 4.96 32.88
N THR A 368 7.44 3.67 32.90
CA THR A 368 8.51 2.67 33.00
C THR A 368 8.67 1.78 31.80
N GLY A 369 7.65 1.71 30.95
CA GLY A 369 7.70 0.83 29.79
C GLY A 369 7.29 -0.60 30.15
N ALA A 370 6.96 -0.85 31.41
CA ALA A 370 6.57 -2.19 31.83
C ALA A 370 5.28 -2.70 31.20
N LEU A 371 5.28 -3.98 30.86
CA LEU A 371 4.13 -4.67 30.31
C LEU A 371 3.08 -4.77 31.41
N LEU A 372 1.85 -4.38 31.08
CA LEU A 372 0.72 -4.39 32.00
C LEU A 372 -0.37 -5.38 31.60
N LYS A 373 -0.64 -5.51 30.31
CA LYS A 373 -1.71 -6.39 29.87
C LYS A 373 -1.51 -6.90 28.45
N ILE A 374 -1.85 -8.16 28.25
CA ILE A 374 -1.79 -8.76 26.93
C ILE A 374 -3.23 -8.89 26.45
N PHE A 375 -3.50 -8.36 25.26
CA PHE A 375 -4.84 -8.47 24.66
C PHE A 375 -4.78 -9.70 23.75
N PRO A 376 -5.43 -10.81 24.15
CA PRO A 376 -5.39 -12.02 23.31
C PRO A 376 -6.01 -11.91 21.92
N LEU A 377 -5.29 -12.47 20.95
CA LEU A 377 -5.74 -12.47 19.55
C LEU A 377 -5.50 -13.82 18.90
N GLU A 378 -6.33 -14.14 17.92
CA GLU A 378 -6.09 -15.37 17.18
C GLU A 378 -5.03 -15.02 16.13
N VAL A 379 -4.64 -15.98 15.31
CA VAL A 379 -3.64 -15.79 14.27
C VAL A 379 -4.17 -14.87 13.19
N GLY A 380 -3.55 -13.72 13.05
CA GLY A 380 -3.98 -12.77 12.05
C GLY A 380 -3.32 -11.41 12.17
N SER A 381 -4.05 -10.38 11.78
CA SER A 381 -3.55 -9.01 11.78
C SER A 381 -4.44 -8.00 12.48
N VAL A 382 -3.82 -6.97 13.04
CA VAL A 382 -4.56 -5.86 13.62
C VAL A 382 -4.55 -4.84 12.48
N VAL A 383 -5.72 -4.51 11.96
CA VAL A 383 -5.86 -3.58 10.84
C VAL A 383 -6.53 -2.24 11.16
N GLY A 384 -6.91 -2.04 12.41
CA GLY A 384 -7.52 -0.79 12.80
C GLY A 384 -7.33 -0.60 14.29
N TYR A 385 -7.26 0.65 14.72
CA TYR A 385 -7.09 0.99 16.12
C TYR A 385 -7.49 2.42 16.39
N SER A 386 -8.09 2.66 17.54
CA SER A 386 -8.41 4.02 17.93
C SER A 386 -8.17 4.17 19.44
N GLY A 387 -7.72 5.37 19.82
CA GLY A 387 -7.47 5.66 21.21
C GLY A 387 -6.29 6.62 21.32
N GLN A 388 -6.61 7.90 21.49
CA GLN A 388 -5.60 8.93 21.61
C GLN A 388 -5.31 9.22 23.08
N LYS A 389 -4.35 10.11 23.34
CA LYS A 389 -3.95 10.43 24.71
C LYS A 389 -5.08 10.79 25.65
N LYS A 390 -6.02 11.61 25.19
CA LYS A 390 -7.11 12.02 26.07
C LYS A 390 -8.24 11.00 26.19
N ASP A 391 -8.23 9.98 25.32
CA ASP A 391 -9.28 8.96 25.36
C ASP A 391 -9.10 8.01 26.53
N THR A 392 -10.20 7.42 26.99
CA THR A 392 -10.15 6.49 28.11
C THR A 392 -10.59 5.09 27.69
N GLU A 393 -10.54 4.80 26.39
CA GLU A 393 -10.93 3.51 25.86
C GLU A 393 -10.24 3.31 24.52
N ILE A 394 -10.15 2.06 24.10
CA ILE A 394 -9.57 1.73 22.81
C ILE A 394 -10.48 0.82 22.01
N PHE A 395 -10.38 0.92 20.69
CA PHE A 395 -11.08 0.02 19.78
C PHE A 395 -9.97 -0.53 18.89
N TYR A 396 -10.06 -1.80 18.52
CA TYR A 396 -9.08 -2.37 17.60
C TYR A 396 -9.76 -3.43 16.75
N GLN A 397 -9.32 -3.51 15.50
CA GLN A 397 -9.89 -4.42 14.53
C GLN A 397 -8.90 -5.50 14.11
N PHE A 398 -9.39 -6.73 14.15
CA PHE A 398 -8.62 -7.92 13.82
C PHE A 398 -9.20 -8.57 12.57
N THR A 399 -8.33 -9.13 11.74
CA THR A 399 -8.77 -9.84 10.54
C THR A 399 -7.82 -11.01 10.32
N SER A 400 -8.22 -11.95 9.47
CA SER A 400 -7.38 -13.10 9.19
C SER A 400 -7.76 -13.62 7.81
N PHE A 401 -7.13 -14.70 7.36
CA PHE A 401 -7.44 -15.26 6.05
C PHE A 401 -8.86 -15.83 5.93
N LEU A 402 -9.35 -16.43 7.02
CA LEU A 402 -10.67 -17.07 7.00
C LEU A 402 -11.76 -16.31 7.73
N SER A 403 -11.37 -15.27 8.48
CA SER A 403 -12.31 -14.48 9.24
C SER A 403 -12.42 -13.05 8.71
N PRO A 404 -13.65 -12.56 8.44
CA PRO A 404 -13.86 -11.20 7.95
C PRO A 404 -13.35 -10.20 8.98
N GLY A 405 -13.48 -10.55 10.25
CA GLY A 405 -12.97 -9.67 11.27
C GLY A 405 -13.84 -9.44 12.49
N ILE A 406 -13.17 -8.96 13.53
CA ILE A 406 -13.81 -8.67 14.80
C ILE A 406 -13.28 -7.32 15.28
N ILE A 407 -14.18 -6.49 15.77
CA ILE A 407 -13.82 -5.19 16.32
C ILE A 407 -14.00 -5.35 17.83
N TYR A 408 -12.93 -5.05 18.56
CA TYR A 408 -12.94 -5.16 20.02
C TYR A 408 -12.96 -3.78 20.64
N HIS A 409 -13.44 -3.71 21.89
CA HIS A 409 -13.51 -2.47 22.64
C HIS A 409 -12.99 -2.77 24.03
N CYS A 410 -12.28 -1.81 24.61
CA CYS A 410 -11.78 -1.98 25.97
C CYS A 410 -11.81 -0.66 26.72
N ASP A 411 -12.60 -0.62 27.79
CA ASP A 411 -12.74 0.56 28.64
C ASP A 411 -11.52 0.55 29.57
N LEU A 412 -10.64 1.52 29.37
CA LEU A 412 -9.41 1.60 30.17
C LEU A 412 -9.54 2.24 31.53
N THR A 413 -10.76 2.59 31.93
CA THR A 413 -10.96 3.17 33.26
C THR A 413 -11.21 2.03 34.25
N LYS A 414 -11.39 0.82 33.73
CA LYS A 414 -11.65 -0.36 34.56
C LYS A 414 -10.35 -0.95 35.10
N GLU A 415 -10.40 -1.43 36.34
CA GLU A 415 -9.22 -2.01 36.98
C GLU A 415 -8.55 -3.11 36.14
N GLU A 416 -9.32 -4.14 35.78
CA GLU A 416 -8.88 -5.26 34.98
C GLU A 416 -9.27 -4.98 33.53
N LEU A 417 -8.35 -4.36 32.83
CA LEU A 417 -8.51 -3.99 31.42
C LEU A 417 -8.72 -5.16 30.46
N GLU A 418 -9.92 -5.74 30.48
CA GLU A 418 -10.22 -6.84 29.59
C GLU A 418 -11.17 -6.47 28.46
N PRO A 419 -10.75 -6.70 27.20
CA PRO A 419 -11.53 -6.39 26.00
C PRO A 419 -12.80 -7.20 25.80
N ARG A 420 -13.67 -6.71 24.93
CA ARG A 420 -14.93 -7.33 24.66
C ARG A 420 -15.21 -7.16 23.18
N VAL A 421 -15.89 -8.15 22.60
CA VAL A 421 -16.25 -8.09 21.19
C VAL A 421 -17.29 -6.96 21.05
N PHE A 422 -16.98 -6.00 20.18
CA PHE A 422 -17.86 -4.87 19.94
C PHE A 422 -18.70 -5.08 18.68
N ARG A 423 -18.07 -5.61 17.63
CA ARG A 423 -18.78 -5.88 16.39
C ARG A 423 -18.13 -7.06 15.70
N GLU A 424 -18.96 -7.98 15.21
CA GLU A 424 -18.47 -9.16 14.52
C GLU A 424 -19.45 -9.53 13.40
N VAL A 425 -18.91 -9.78 12.22
CA VAL A 425 -19.70 -10.14 11.06
C VAL A 425 -19.11 -11.40 10.45
N THR A 426 -19.97 -12.33 10.08
CA THR A 426 -19.53 -13.56 9.46
C THR A 426 -20.13 -13.59 8.06
N VAL A 427 -19.36 -14.06 7.08
CA VAL A 427 -19.85 -14.11 5.71
C VAL A 427 -20.54 -15.43 5.44
N LYS A 428 -21.87 -15.39 5.34
CA LYS A 428 -22.64 -16.59 5.05
C LYS A 428 -22.31 -17.00 3.61
N GLY A 429 -21.94 -18.26 3.44
CA GLY A 429 -21.57 -18.75 2.12
C GLY A 429 -20.19 -19.38 2.19
N ILE A 430 -19.34 -18.84 3.06
CA ILE A 430 -18.00 -19.39 3.23
C ILE A 430 -17.79 -19.85 4.67
N ASP A 431 -17.77 -21.17 4.85
CA ASP A 431 -17.58 -21.79 6.15
C ASP A 431 -16.08 -21.91 6.45
N ALA A 432 -15.61 -21.11 7.40
CA ALA A 432 -14.20 -21.08 7.82
C ALA A 432 -13.67 -22.44 8.26
N SER A 433 -14.52 -23.24 8.91
CA SER A 433 -14.10 -24.56 9.39
C SER A 433 -13.68 -25.57 8.32
N ASP A 434 -14.05 -25.32 7.06
CA ASP A 434 -13.69 -26.25 6.00
C ASP A 434 -12.29 -26.01 5.46
N TYR A 435 -11.66 -24.91 5.88
CA TYR A 435 -10.32 -24.57 5.41
C TYR A 435 -9.31 -24.47 6.52
N GLN A 436 -8.04 -24.44 6.16
CA GLN A 436 -7.00 -24.27 7.15
C GLN A 436 -5.87 -23.44 6.58
N THR A 437 -5.16 -22.78 7.49
CA THR A 437 -4.03 -21.94 7.15
C THR A 437 -2.86 -22.58 7.87
N VAL A 438 -1.75 -22.74 7.17
CA VAL A 438 -0.54 -23.26 7.78
C VAL A 438 0.58 -22.28 7.45
N GLN A 439 1.57 -22.23 8.32
CA GLN A 439 2.74 -21.39 8.10
C GLN A 439 3.95 -22.30 8.07
N ILE A 440 4.70 -22.24 6.99
CA ILE A 440 5.94 -23.03 6.87
C ILE A 440 7.09 -22.07 6.59
N PHE A 441 8.31 -22.56 6.71
CA PHE A 441 9.49 -21.76 6.44
C PHE A 441 10.33 -22.58 5.49
N TYR A 442 10.58 -22.05 4.30
CA TYR A 442 11.35 -22.78 3.31
C TYR A 442 12.70 -22.11 3.05
N PRO A 443 13.75 -22.89 2.77
CA PRO A 443 15.05 -22.26 2.52
C PRO A 443 15.12 -21.69 1.11
N SER A 444 15.68 -20.50 0.99
CA SER A 444 15.87 -19.86 -0.30
C SER A 444 17.20 -20.37 -0.85
N LYS A 445 17.61 -19.82 -2.01
CA LYS A 445 18.87 -20.22 -2.63
C LYS A 445 20.09 -20.11 -1.71
N ASP A 446 20.16 -19.04 -0.93
CA ASP A 446 21.30 -18.83 -0.02
C ASP A 446 21.10 -19.45 1.36
N GLY A 447 20.04 -20.24 1.52
CA GLY A 447 19.77 -20.89 2.78
C GLY A 447 18.88 -20.15 3.78
N THR A 448 18.59 -18.88 3.51
CA THR A 448 17.74 -18.11 4.40
C THR A 448 16.35 -18.73 4.44
N LYS A 449 15.79 -18.91 5.63
CA LYS A 449 14.45 -19.48 5.78
C LYS A 449 13.44 -18.35 5.60
N ILE A 450 12.50 -18.54 4.67
CA ILE A 450 11.48 -17.55 4.35
C ILE A 450 10.11 -18.06 4.79
N PRO A 451 9.31 -17.22 5.46
CA PRO A 451 7.99 -17.69 5.87
C PRO A 451 7.02 -17.71 4.68
N MET A 452 6.05 -18.62 4.75
CA MET A 452 5.00 -18.68 3.74
C MET A 452 3.73 -19.21 4.37
N PHE A 453 2.62 -18.51 4.13
CA PHE A 453 1.31 -18.94 4.58
C PHE A 453 0.69 -19.69 3.40
N ILE A 454 -0.01 -20.79 3.70
CA ILE A 454 -0.69 -21.55 2.68
C ILE A 454 -2.10 -21.79 3.22
N VAL A 455 -3.10 -21.44 2.40
CA VAL A 455 -4.51 -21.59 2.78
C VAL A 455 -5.15 -22.56 1.79
N HIS A 456 -5.83 -23.59 2.32
CA HIS A 456 -6.46 -24.57 1.46
C HIS A 456 -7.55 -25.37 2.16
N LYS A 457 -8.33 -26.10 1.38
CA LYS A 457 -9.42 -26.91 1.94
C LYS A 457 -8.78 -28.05 2.72
N LYS A 458 -9.36 -28.36 3.88
CA LYS A 458 -8.84 -29.43 4.72
C LYS A 458 -8.87 -30.79 4.03
N GLY A 459 -7.90 -31.62 4.36
CA GLY A 459 -7.83 -32.96 3.80
C GLY A 459 -7.46 -33.16 2.34
N ILE A 460 -6.99 -32.12 1.65
CA ILE A 460 -6.62 -32.34 0.25
C ILE A 460 -5.38 -33.23 0.18
N LYS A 461 -5.23 -33.94 -0.92
CA LYS A 461 -4.07 -34.79 -1.12
C LYS A 461 -2.99 -33.98 -1.83
N LEU A 462 -1.76 -34.06 -1.33
CA LEU A 462 -0.65 -33.31 -1.91
C LEU A 462 -0.06 -34.08 -3.09
N ASP A 463 -0.86 -34.19 -4.14
CA ASP A 463 -0.50 -34.90 -5.38
C ASP A 463 -0.16 -33.99 -6.55
N GLY A 464 -0.04 -32.69 -6.26
CA GLY A 464 0.31 -31.72 -7.28
C GLY A 464 -0.77 -31.42 -8.30
N SER A 465 -2.00 -31.85 -8.04
CA SER A 465 -3.11 -31.63 -8.98
C SER A 465 -3.90 -30.33 -8.82
N HIS A 466 -3.61 -29.56 -7.80
CA HIS A 466 -4.38 -28.35 -7.52
C HIS A 466 -3.87 -27.06 -8.11
N PRO A 467 -4.79 -26.19 -8.55
CA PRO A 467 -4.37 -24.91 -9.10
C PRO A 467 -3.90 -24.13 -7.88
N ALA A 468 -2.88 -23.28 -8.03
CA ALA A 468 -2.39 -22.50 -6.90
C ALA A 468 -2.24 -21.03 -7.29
N PHE A 469 -2.39 -20.15 -6.31
CA PHE A 469 -2.30 -18.70 -6.53
C PHE A 469 -1.31 -18.24 -5.45
N LEU A 470 -0.11 -17.88 -5.91
CA LEU A 470 1.01 -17.46 -5.05
C LEU A 470 1.23 -15.96 -5.19
N TYR A 471 1.12 -15.26 -4.07
CA TYR A 471 1.27 -13.81 -3.98
C TYR A 471 2.53 -13.40 -3.23
N GLY A 472 3.10 -12.29 -3.69
CA GLY A 472 4.29 -11.73 -3.05
C GLY A 472 4.41 -10.25 -3.38
N TYR A 473 5.18 -9.53 -2.58
CA TYR A 473 5.44 -8.10 -2.80
C TYR A 473 6.98 -8.01 -2.73
N GLY A 474 7.52 -7.96 -1.51
CA GLY A 474 8.97 -7.93 -1.32
C GLY A 474 9.70 -6.62 -1.51
N GLY A 475 9.46 -5.70 -0.59
CA GLY A 475 10.13 -4.42 -0.67
C GLY A 475 9.48 -3.38 0.22
N PHE A 476 10.15 -2.25 0.30
CA PHE A 476 9.68 -1.06 1.01
C PHE A 476 9.26 -1.23 2.45
N ASN A 477 9.89 -2.20 3.11
CA ASN A 477 9.63 -2.50 4.52
C ASN A 477 8.16 -2.86 4.77
N ILE A 478 7.45 -3.28 3.73
CA ILE A 478 6.05 -3.64 3.91
C ILE A 478 5.93 -5.12 4.32
N SER A 479 5.18 -5.39 5.38
CA SER A 479 4.96 -6.76 5.84
C SER A 479 3.62 -7.27 5.28
N ILE A 480 3.65 -8.43 4.61
CA ILE A 480 2.43 -9.00 4.01
C ILE A 480 1.81 -9.93 5.04
N THR A 481 0.87 -9.40 5.81
CA THR A 481 0.24 -10.14 6.90
C THR A 481 -1.15 -10.69 6.54
N PRO A 482 -1.70 -11.61 7.36
CA PRO A 482 -3.03 -12.16 7.04
C PRO A 482 -4.14 -11.13 6.83
N ASN A 483 -4.97 -11.34 5.83
CA ASN A 483 -6.09 -10.44 5.54
C ASN A 483 -7.21 -11.25 4.89
N TYR A 484 -8.44 -10.82 5.11
CA TYR A 484 -9.60 -11.53 4.57
C TYR A 484 -9.90 -11.09 3.15
N SER A 485 -9.89 -12.07 2.24
CA SER A 485 -10.16 -11.80 0.83
C SER A 485 -11.20 -12.75 0.29
N VAL A 486 -12.39 -12.23 0.04
CA VAL A 486 -13.47 -13.03 -0.50
C VAL A 486 -13.08 -13.53 -1.89
N SER A 487 -12.42 -12.68 -2.69
CA SER A 487 -12.01 -13.04 -4.03
C SER A 487 -11.09 -14.25 -4.07
N ARG A 488 -10.15 -14.29 -3.14
CA ARG A 488 -9.21 -15.43 -3.06
C ARG A 488 -9.91 -16.68 -2.56
N LEU A 489 -10.83 -16.51 -1.62
CA LEU A 489 -11.57 -17.65 -1.08
C LEU A 489 -12.47 -18.27 -2.15
N ILE A 490 -12.94 -17.46 -3.10
CA ILE A 490 -13.77 -18.00 -4.18
C ILE A 490 -12.87 -18.91 -5.05
N PHE A 491 -11.62 -18.51 -5.26
CA PHE A 491 -10.69 -19.31 -6.02
C PHE A 491 -10.53 -20.66 -5.31
N VAL A 492 -10.43 -20.64 -3.98
CA VAL A 492 -10.29 -21.88 -3.21
C VAL A 492 -11.55 -22.76 -3.33
N ARG A 493 -12.70 -22.20 -2.99
CA ARG A 493 -13.96 -22.94 -3.00
C ARG A 493 -14.50 -23.32 -4.36
N HIS A 494 -14.55 -22.34 -5.26
CA HIS A 494 -15.14 -22.54 -6.57
C HIS A 494 -14.20 -22.90 -7.72
N MET A 495 -12.90 -22.85 -7.48
CA MET A 495 -11.95 -23.23 -8.52
C MET A 495 -10.97 -24.29 -8.00
N GLY A 496 -11.24 -24.77 -6.79
CA GLY A 496 -10.44 -25.79 -6.14
C GLY A 496 -8.99 -25.41 -5.89
N GLY A 497 -8.74 -24.12 -5.69
CA GLY A 497 -7.37 -23.68 -5.51
C GLY A 497 -6.75 -23.68 -4.14
N VAL A 498 -5.43 -23.51 -4.16
CA VAL A 498 -4.59 -23.39 -2.97
C VAL A 498 -4.04 -21.97 -3.03
N LEU A 499 -4.14 -21.24 -1.93
CA LEU A 499 -3.62 -19.88 -1.85
C LEU A 499 -2.29 -19.90 -1.11
N ALA A 500 -1.34 -19.06 -1.53
CA ALA A 500 -0.05 -18.96 -0.84
C ALA A 500 0.46 -17.53 -0.86
N VAL A 501 1.08 -17.14 0.24
CA VAL A 501 1.66 -15.80 0.40
C VAL A 501 3.06 -16.00 0.92
N ALA A 502 4.07 -15.59 0.14
CA ALA A 502 5.47 -15.74 0.56
C ALA A 502 6.03 -14.43 1.10
N ASN A 503 6.52 -14.45 2.35
CA ASN A 503 7.07 -13.27 3.02
C ASN A 503 8.55 -13.07 2.69
N ILE A 504 8.80 -12.84 1.41
CA ILE A 504 10.14 -12.68 0.86
C ILE A 504 10.88 -11.45 1.37
N ARG A 505 12.21 -11.47 1.23
CA ARG A 505 13.00 -10.34 1.68
C ARG A 505 12.63 -9.05 0.96
N GLY A 506 13.04 -7.93 1.57
CA GLY A 506 12.67 -6.64 1.04
C GLY A 506 11.52 -6.11 1.90
N GLY A 507 10.71 -7.02 2.45
CA GLY A 507 9.59 -6.61 3.30
C GLY A 507 10.06 -6.23 4.70
N GLY A 508 9.11 -6.03 5.60
CA GLY A 508 9.46 -5.65 6.95
C GLY A 508 9.18 -6.73 7.98
N GLU A 509 8.92 -7.94 7.52
CA GLU A 509 8.56 -9.03 8.42
C GLU A 509 9.58 -9.32 9.53
N TYR A 510 10.87 -9.16 9.21
CA TYR A 510 11.91 -9.35 10.23
C TYR A 510 12.76 -8.08 10.40
N GLY A 511 12.05 -6.96 10.40
CA GLY A 511 12.67 -5.67 10.63
C GLY A 511 13.52 -5.13 9.50
N GLU A 512 14.32 -4.12 9.82
CA GLU A 512 15.14 -3.47 8.79
C GLU A 512 16.17 -4.37 8.12
N THR A 513 16.66 -5.42 8.80
CA THR A 513 17.59 -6.34 8.17
C THR A 513 16.89 -7.13 7.05
N TRP A 514 15.61 -7.42 7.26
CA TRP A 514 14.82 -8.14 6.26
C TRP A 514 14.65 -7.23 5.05
N HIS A 515 14.36 -5.95 5.35
CA HIS A 515 14.20 -4.95 4.29
C HIS A 515 15.49 -4.81 3.46
N LYS A 516 16.62 -4.61 4.13
CA LYS A 516 17.89 -4.46 3.44
C LYS A 516 18.31 -5.71 2.67
N GLY A 517 17.75 -6.86 3.05
CA GLY A 517 18.05 -8.10 2.33
C GLY A 517 17.36 -8.22 0.98
N GLY A 518 16.54 -7.22 0.63
CA GLY A 518 15.84 -7.26 -0.64
C GLY A 518 15.80 -5.92 -1.35
N ILE A 519 16.90 -5.15 -1.25
CA ILE A 519 16.99 -3.86 -1.91
C ILE A 519 18.38 -3.68 -2.51
N LEU A 520 18.50 -2.68 -3.38
CA LEU A 520 19.76 -2.27 -3.98
C LEU A 520 20.51 -3.44 -4.62
N ALA A 521 21.75 -3.70 -4.23
CA ALA A 521 22.52 -4.79 -4.81
C ALA A 521 21.91 -6.17 -4.56
N ASN A 522 21.09 -6.25 -3.51
CA ASN A 522 20.45 -7.50 -3.12
C ASN A 522 19.03 -7.70 -3.58
N LYS A 523 18.56 -6.87 -4.51
CA LYS A 523 17.19 -7.01 -4.99
C LYS A 523 16.92 -8.39 -5.57
N GLN A 524 17.93 -9.03 -6.15
CA GLN A 524 17.75 -10.37 -6.73
C GLN A 524 17.31 -11.38 -5.68
N ASN A 525 17.61 -11.11 -4.41
CA ASN A 525 17.18 -12.00 -3.35
C ASN A 525 15.65 -12.15 -3.37
N CYS A 526 14.95 -11.06 -3.69
CA CYS A 526 13.48 -11.12 -3.74
C CYS A 526 12.99 -12.13 -4.76
N PHE A 527 13.56 -12.07 -5.95
CA PHE A 527 13.17 -12.97 -7.03
C PHE A 527 13.56 -14.40 -6.71
N ASP A 528 14.73 -14.58 -6.11
CA ASP A 528 15.18 -15.93 -5.74
C ASP A 528 14.24 -16.50 -4.69
N ASP A 529 13.93 -15.69 -3.66
CA ASP A 529 13.02 -16.12 -2.59
C ASP A 529 11.68 -16.54 -3.18
N PHE A 530 11.15 -15.72 -4.08
CA PHE A 530 9.85 -16.03 -4.65
C PHE A 530 9.86 -17.27 -5.54
N GLN A 531 10.90 -17.41 -6.35
CA GLN A 531 11.01 -18.61 -7.19
C GLN A 531 11.11 -19.84 -6.29
N CYS A 532 11.82 -19.72 -5.17
CA CYS A 532 11.95 -20.83 -4.23
C CYS A 532 10.62 -21.16 -3.56
N ALA A 533 9.75 -20.17 -3.41
CA ALA A 533 8.42 -20.42 -2.83
C ALA A 533 7.63 -21.30 -3.82
N ALA A 534 7.69 -20.96 -5.10
CA ALA A 534 7.02 -21.74 -6.15
C ALA A 534 7.59 -23.17 -6.17
N GLU A 535 8.91 -23.30 -6.10
CA GLU A 535 9.52 -24.64 -6.10
C GLU A 535 9.08 -25.44 -4.87
N TYR A 536 8.85 -24.77 -3.74
CA TYR A 536 8.42 -25.47 -2.53
C TYR A 536 7.00 -26.01 -2.74
N LEU A 537 6.09 -25.18 -3.24
CA LEU A 537 4.71 -25.59 -3.46
C LEU A 537 4.63 -26.78 -4.41
N ILE A 538 5.52 -26.79 -5.40
CA ILE A 538 5.58 -27.86 -6.39
C ILE A 538 6.20 -29.13 -5.80
N LYS A 539 7.35 -29.00 -5.15
CA LYS A 539 8.01 -30.16 -4.58
C LYS A 539 7.16 -30.84 -3.51
N GLU A 540 6.46 -30.03 -2.72
CA GLU A 540 5.62 -30.56 -1.65
C GLU A 540 4.27 -31.08 -2.11
N GLY A 541 3.96 -30.93 -3.40
CA GLY A 541 2.72 -31.47 -3.90
C GLY A 541 1.46 -30.63 -3.83
N TYR A 542 1.57 -29.36 -3.52
CA TYR A 542 0.39 -28.50 -3.49
C TYR A 542 -0.07 -28.18 -4.91
N THR A 543 0.86 -28.12 -5.86
CA THR A 543 0.52 -27.74 -7.22
C THR A 543 1.61 -28.22 -8.19
N SER A 544 1.52 -27.80 -9.46
CA SER A 544 2.51 -28.15 -10.50
C SER A 544 2.67 -26.88 -11.33
N PRO A 545 3.82 -26.73 -12.04
CA PRO A 545 4.06 -25.54 -12.85
C PRO A 545 2.87 -25.12 -13.71
N LYS A 546 2.32 -26.06 -14.47
CA LYS A 546 1.21 -25.75 -15.37
C LYS A 546 -0.04 -25.24 -14.67
N ARG A 547 -0.18 -25.51 -13.37
CA ARG A 547 -1.37 -25.09 -12.62
C ARG A 547 -1.10 -23.93 -11.67
N LEU A 548 0.14 -23.40 -11.70
CA LEU A 548 0.55 -22.32 -10.80
C LEU A 548 0.41 -20.91 -11.39
N THR A 549 -0.25 -20.03 -10.63
CA THR A 549 -0.41 -18.63 -11.01
C THR A 549 0.30 -17.79 -9.96
N ILE A 550 1.10 -16.82 -10.42
CA ILE A 550 1.74 -15.90 -9.48
C ILE A 550 1.13 -14.51 -9.73
N ASN A 551 1.03 -13.73 -8.66
CA ASN A 551 0.44 -12.40 -8.71
C ASN A 551 1.14 -11.43 -7.76
N GLY A 552 1.19 -10.16 -8.17
CA GLY A 552 1.75 -9.13 -7.33
C GLY A 552 1.36 -7.80 -7.95
N GLY A 553 1.40 -6.74 -7.15
CA GLY A 553 1.07 -5.41 -7.64
C GLY A 553 2.16 -4.40 -7.34
N ALA A 554 2.44 -3.57 -8.34
CA ALA A 554 3.42 -2.47 -8.24
C ALA A 554 4.80 -3.05 -8.03
N ASN A 555 5.41 -2.88 -6.84
CA ASN A 555 6.70 -3.52 -6.61
C ASN A 555 6.50 -5.05 -6.75
N GLY A 556 5.29 -5.52 -6.46
CA GLY A 556 4.94 -6.94 -6.62
C GLY A 556 4.72 -7.27 -8.10
N GLY A 557 4.36 -6.26 -8.90
CA GLY A 557 4.20 -6.48 -10.34
C GLY A 557 5.59 -6.71 -10.92
N LEU A 558 6.56 -5.91 -10.45
CA LEU A 558 7.96 -6.07 -10.85
C LEU A 558 8.38 -7.48 -10.46
N LEU A 559 8.04 -7.90 -9.24
CA LEU A 559 8.37 -9.23 -8.76
C LEU A 559 7.94 -10.35 -9.72
N VAL A 560 6.65 -10.39 -10.06
CA VAL A 560 6.16 -11.48 -10.91
C VAL A 560 6.63 -11.39 -12.37
N ALA A 561 6.79 -10.16 -12.88
CA ALA A 561 7.27 -9.99 -14.26
C ALA A 561 8.72 -10.47 -14.38
N THR A 562 9.55 -10.13 -13.40
CA THR A 562 10.94 -10.57 -13.41
C THR A 562 10.97 -12.10 -13.29
N CYS A 563 10.12 -12.65 -12.42
CA CYS A 563 10.07 -14.11 -12.27
C CYS A 563 9.67 -14.82 -13.55
N ALA A 564 8.81 -14.18 -14.34
CA ALA A 564 8.39 -14.77 -15.63
C ALA A 564 9.57 -14.80 -16.61
N ASN A 565 10.36 -13.73 -16.65
CA ASN A 565 11.53 -13.69 -17.53
C ASN A 565 12.60 -14.69 -17.09
N GLN A 566 12.84 -14.76 -15.78
CA GLN A 566 13.88 -15.62 -15.21
C GLN A 566 13.57 -17.11 -15.15
N ARG A 567 12.31 -17.45 -14.88
CA ARG A 567 11.92 -18.86 -14.78
C ARG A 567 10.57 -19.07 -15.44
N PRO A 568 10.49 -18.87 -16.77
CA PRO A 568 9.20 -19.07 -17.45
C PRO A 568 8.66 -20.50 -17.31
N ASP A 569 9.56 -21.45 -17.06
CA ASP A 569 9.19 -22.86 -16.90
C ASP A 569 8.49 -23.17 -15.58
N LEU A 570 8.55 -22.25 -14.62
CA LEU A 570 7.99 -22.49 -13.30
C LEU A 570 6.52 -22.08 -13.11
N PHE A 571 5.99 -21.30 -14.05
CA PHE A 571 4.64 -20.75 -13.89
C PHE A 571 3.74 -20.99 -15.09
N GLY A 572 2.46 -21.20 -14.81
CA GLY A 572 1.51 -21.38 -15.89
C GLY A 572 0.84 -20.06 -16.23
N CYS A 573 0.68 -19.18 -15.23
CA CYS A 573 0.00 -17.91 -15.42
C CYS A 573 0.62 -16.83 -14.53
N VAL A 574 0.68 -15.60 -15.02
CA VAL A 574 1.24 -14.48 -14.27
C VAL A 574 0.28 -13.29 -14.39
N ILE A 575 -0.09 -12.69 -13.26
CA ILE A 575 -0.96 -11.51 -13.31
C ILE A 575 -0.19 -10.42 -12.60
N ALA A 576 0.27 -9.45 -13.38
CA ALA A 576 1.04 -8.33 -12.84
C ALA A 576 0.18 -7.09 -12.85
N GLN A 577 -0.12 -6.60 -11.65
CA GLN A 577 -0.93 -5.40 -11.50
C GLN A 577 -0.06 -4.16 -11.28
N VAL A 578 -0.38 -3.07 -12.01
CA VAL A 578 0.28 -1.77 -11.90
C VAL A 578 1.77 -1.87 -11.59
N GLY A 579 2.45 -2.70 -12.38
CA GLY A 579 3.86 -2.98 -12.13
C GLY A 579 4.93 -2.00 -12.58
N VAL A 580 6.02 -1.95 -11.84
CA VAL A 580 7.16 -1.12 -12.20
C VAL A 580 7.97 -2.01 -13.14
N MET A 581 7.88 -1.74 -14.44
CA MET A 581 8.55 -2.58 -15.44
C MET A 581 9.82 -2.01 -16.05
N ASP A 582 9.91 -0.68 -16.15
CA ASP A 582 11.10 -0.05 -16.70
C ASP A 582 11.96 0.43 -15.52
N MET A 583 12.90 -0.41 -15.13
CA MET A 583 13.75 -0.07 -13.99
C MET A 583 14.81 0.96 -14.32
N LEU A 584 14.98 1.30 -15.61
CA LEU A 584 15.98 2.30 -15.97
C LEU A 584 15.39 3.69 -15.99
N LYS A 585 14.06 3.80 -16.11
CA LYS A 585 13.45 5.12 -16.17
C LYS A 585 12.39 5.40 -15.10
N PHE A 586 12.18 4.48 -14.15
CA PHE A 586 11.13 4.67 -13.13
C PHE A 586 11.25 5.98 -12.36
N HIS A 587 12.49 6.40 -12.12
CA HIS A 587 12.74 7.60 -11.31
C HIS A 587 12.34 8.91 -11.97
N LYS A 588 12.11 8.88 -13.28
CA LYS A 588 11.79 10.12 -14.01
C LYS A 588 10.38 10.67 -13.88
N TYR A 589 9.45 9.81 -13.44
CA TYR A 589 8.05 10.16 -13.41
C TYR A 589 7.45 10.33 -12.03
N THR A 590 6.48 11.23 -11.93
CA THR A 590 5.75 11.54 -10.70
C THR A 590 6.56 11.41 -9.40
N ILE A 591 6.24 10.41 -8.57
CA ILE A 591 6.94 10.22 -7.29
C ILE A 591 7.96 9.08 -7.35
N GLY A 592 8.26 8.61 -8.57
CA GLY A 592 9.22 7.53 -8.75
C GLY A 592 10.60 7.80 -8.17
N HIS A 593 10.99 9.06 -8.10
CA HIS A 593 12.29 9.40 -7.55
C HIS A 593 12.45 8.94 -6.12
N ALA A 594 11.34 8.73 -5.42
CA ALA A 594 11.41 8.31 -4.02
C ALA A 594 11.78 6.84 -3.85
N TRP A 595 11.65 6.05 -4.91
CA TRP A 595 11.91 4.62 -4.80
C TRP A 595 13.35 4.20 -4.99
N THR A 596 14.23 5.17 -5.25
CA THR A 596 15.65 4.87 -5.43
C THR A 596 16.32 4.30 -4.18
N THR A 597 15.69 4.50 -3.02
CA THR A 597 16.23 3.96 -1.78
C THR A 597 16.10 2.41 -1.75
N ASP A 598 15.12 1.87 -2.46
CA ASP A 598 14.95 0.42 -2.56
C ASP A 598 15.61 -0.15 -3.81
N TYR A 599 15.57 0.60 -4.91
CA TYR A 599 16.09 0.09 -6.19
C TYR A 599 17.45 0.55 -6.67
N GLY A 600 17.83 1.77 -6.29
CA GLY A 600 19.05 2.39 -6.81
C GLY A 600 18.57 3.27 -7.97
N CYS A 601 19.48 3.94 -8.67
CA CYS A 601 19.12 4.81 -9.80
C CYS A 601 20.11 4.56 -10.94
N SER A 602 19.60 4.44 -12.16
CA SER A 602 20.43 4.16 -13.34
C SER A 602 21.51 5.20 -13.68
N ASP A 603 21.47 6.37 -13.05
CA ASP A 603 22.49 7.41 -13.28
C ASP A 603 23.83 6.91 -12.74
N SER A 604 23.78 6.02 -11.76
CA SER A 604 24.99 5.45 -11.18
C SER A 604 25.39 4.19 -11.93
N LYS A 605 26.66 4.08 -12.32
CA LYS A 605 27.07 2.87 -13.03
C LYS A 605 26.90 1.62 -12.16
N GLN A 606 27.21 1.73 -10.88
CA GLN A 606 27.07 0.59 -9.98
C GLN A 606 25.60 0.13 -9.98
N HIS A 607 24.69 1.08 -9.80
CA HIS A 607 23.26 0.78 -9.75
C HIS A 607 22.76 0.23 -11.08
N PHE A 608 23.14 0.87 -12.18
CA PHE A 608 22.72 0.41 -13.49
C PHE A 608 23.07 -1.07 -13.65
N GLU A 609 24.25 -1.45 -13.17
CA GLU A 609 24.67 -2.84 -13.31
C GLU A 609 23.76 -3.85 -12.58
N TRP A 610 23.16 -3.43 -11.47
CA TRP A 610 22.23 -4.29 -10.74
C TRP A 610 20.90 -4.31 -11.52
N LEU A 611 20.42 -3.11 -11.82
CA LEU A 611 19.14 -2.89 -12.48
C LEU A 611 18.96 -3.59 -13.82
N ILE A 612 19.96 -3.48 -14.69
CA ILE A 612 19.86 -4.06 -16.02
C ILE A 612 19.69 -5.58 -16.02
N LYS A 613 20.17 -6.22 -14.97
CA LYS A 613 20.08 -7.67 -14.87
C LYS A 613 18.67 -8.19 -14.61
N TYR A 614 17.82 -7.38 -13.99
CA TYR A 614 16.47 -7.84 -13.69
C TYR A 614 15.31 -6.99 -14.22
N SER A 615 15.60 -5.79 -14.70
CA SER A 615 14.54 -4.91 -15.22
C SER A 615 13.64 -5.71 -16.17
N PRO A 616 12.34 -5.83 -15.87
CA PRO A 616 11.47 -6.60 -16.75
C PRO A 616 11.51 -6.18 -18.22
N LEU A 617 11.47 -4.89 -18.47
CA LEU A 617 11.44 -4.38 -19.84
C LEU A 617 12.69 -4.75 -20.63
N HIS A 618 13.79 -5.01 -19.93
CA HIS A 618 15.07 -5.28 -20.57
C HIS A 618 15.53 -6.72 -20.51
N ASN A 619 14.65 -7.60 -20.08
CA ASN A 619 15.00 -9.01 -19.99
C ASN A 619 14.00 -9.96 -20.62
N VAL A 620 13.23 -9.46 -21.58
CA VAL A 620 12.28 -10.31 -22.28
C VAL A 620 13.12 -11.08 -23.32
N LYS A 621 13.11 -12.40 -23.22
CA LYS A 621 13.92 -13.21 -24.14
C LYS A 621 13.29 -14.57 -24.34
N LEU A 622 13.27 -15.03 -25.58
CA LEU A 622 12.70 -16.33 -25.89
C LEU A 622 13.44 -17.40 -25.10
N PRO A 623 12.69 -18.33 -24.48
CA PRO A 623 13.37 -19.39 -23.74
C PRO A 623 14.16 -20.20 -24.77
N GLU A 624 15.38 -20.60 -24.43
CA GLU A 624 16.23 -21.37 -25.34
C GLU A 624 15.61 -22.70 -25.76
N ALA A 625 15.09 -23.46 -24.81
CA ALA A 625 14.49 -24.77 -25.08
C ALA A 625 13.20 -24.67 -25.90
N ASP A 626 13.08 -25.53 -26.90
CA ASP A 626 11.90 -25.57 -27.77
C ASP A 626 10.64 -25.92 -27.02
N ASP A 627 10.77 -26.70 -25.97
CA ASP A 627 9.61 -27.11 -25.17
C ASP A 627 9.19 -26.10 -24.10
N ILE A 628 9.88 -24.96 -24.06
CA ILE A 628 9.56 -23.93 -23.07
C ILE A 628 9.09 -22.64 -23.74
N GLN A 629 7.95 -22.13 -23.31
CA GLN A 629 7.39 -20.89 -23.82
C GLN A 629 7.14 -20.01 -22.58
N TYR A 630 6.72 -18.77 -22.79
CA TYR A 630 6.41 -17.94 -21.62
C TYR A 630 5.04 -18.33 -21.06
N PRO A 631 4.84 -18.07 -19.76
CA PRO A 631 3.54 -18.39 -19.15
C PRO A 631 2.49 -17.41 -19.73
N SER A 632 1.21 -17.71 -19.53
CA SER A 632 0.17 -16.77 -19.94
C SER A 632 0.39 -15.57 -19.03
N MET A 633 0.29 -14.37 -19.58
CA MET A 633 0.49 -13.16 -18.79
C MET A 633 -0.59 -12.13 -19.01
N LEU A 634 -1.04 -11.52 -17.92
CA LEU A 634 -2.05 -10.46 -17.96
C LEU A 634 -1.54 -9.30 -17.14
N LEU A 635 -1.39 -8.14 -17.77
CA LEU A 635 -0.98 -6.91 -17.10
C LEU A 635 -2.23 -6.07 -16.87
N LEU A 636 -2.39 -5.55 -15.65
CA LEU A 636 -3.53 -4.71 -15.34
C LEU A 636 -3.05 -3.34 -14.91
N THR A 637 -3.54 -2.30 -15.57
CA THR A 637 -3.19 -0.94 -15.17
C THR A 637 -4.39 -0.04 -15.44
N ALA A 638 -4.25 1.25 -15.13
CA ALA A 638 -5.35 2.19 -15.32
C ALA A 638 -4.76 3.55 -15.74
N ASP A 639 -5.54 4.32 -16.48
CA ASP A 639 -5.05 5.59 -17.03
C ASP A 639 -4.79 6.76 -16.10
N HIS A 640 -5.18 6.62 -14.83
CA HIS A 640 -4.91 7.65 -13.84
C HIS A 640 -3.99 7.09 -12.76
N ASP A 641 -3.27 6.02 -13.08
CA ASP A 641 -2.33 5.52 -12.08
C ASP A 641 -1.09 6.40 -12.12
N ASP A 642 -1.13 7.48 -11.33
CA ASP A 642 0.00 8.39 -11.25
C ASP A 642 1.04 7.99 -10.20
N ARG A 643 0.80 6.86 -9.52
CA ARG A 643 1.79 6.38 -8.56
C ARG A 643 2.85 5.63 -9.41
N VAL A 644 2.41 4.64 -10.19
CA VAL A 644 3.30 3.90 -11.12
C VAL A 644 2.70 4.21 -12.50
N VAL A 645 3.28 5.18 -13.20
CA VAL A 645 2.72 5.58 -14.51
C VAL A 645 2.50 4.37 -15.43
N PRO A 646 1.32 4.31 -16.10
CA PRO A 646 0.98 3.20 -16.99
C PRO A 646 1.93 2.88 -18.12
N LEU A 647 2.78 3.83 -18.51
CA LEU A 647 3.76 3.58 -19.56
C LEU A 647 4.59 2.34 -19.23
N HIS A 648 4.80 2.05 -17.94
CA HIS A 648 5.56 0.86 -17.54
C HIS A 648 4.95 -0.40 -18.16
N SER A 649 3.63 -0.56 -17.96
CA SER A 649 2.92 -1.72 -18.48
C SER A 649 2.74 -1.64 -20.00
N LEU A 650 2.56 -0.43 -20.54
CA LEU A 650 2.39 -0.30 -21.99
C LEU A 650 3.64 -0.74 -22.73
N LYS A 651 4.81 -0.24 -22.31
CA LYS A 651 6.05 -0.61 -22.98
C LYS A 651 6.35 -2.09 -22.78
N PHE A 652 6.06 -2.59 -21.59
CA PHE A 652 6.32 -3.99 -21.31
C PHE A 652 5.48 -4.93 -22.18
N ILE A 653 4.18 -4.68 -22.29
CA ILE A 653 3.34 -5.55 -23.11
C ILE A 653 3.72 -5.51 -24.59
N ALA A 654 4.11 -4.32 -25.08
CA ALA A 654 4.54 -4.18 -26.48
C ALA A 654 5.75 -5.08 -26.71
N THR A 655 6.67 -5.07 -25.74
CA THR A 655 7.89 -5.86 -25.83
C THR A 655 7.58 -7.36 -25.76
N LEU A 656 6.69 -7.76 -24.85
CA LEU A 656 6.31 -9.17 -24.74
C LEU A 656 5.70 -9.67 -26.03
N GLN A 657 4.78 -8.89 -26.58
CA GLN A 657 4.11 -9.31 -27.80
C GLN A 657 5.01 -9.42 -29.01
N TYR A 658 6.01 -8.55 -29.08
CA TYR A 658 6.91 -8.58 -30.21
C TYR A 658 7.98 -9.67 -30.09
N ILE A 659 8.71 -9.67 -28.98
CA ILE A 659 9.78 -10.63 -28.79
C ILE A 659 9.28 -12.07 -28.63
N VAL A 660 8.28 -12.25 -27.76
CA VAL A 660 7.75 -13.57 -27.45
C VAL A 660 6.46 -13.94 -28.19
N GLY A 661 5.52 -13.00 -28.26
CA GLY A 661 4.25 -13.24 -28.94
C GLY A 661 4.38 -13.67 -30.39
N ARG A 662 5.38 -13.17 -31.10
CA ARG A 662 5.59 -13.53 -32.51
C ARG A 662 6.09 -14.95 -32.72
N SER A 663 6.70 -15.55 -31.70
CA SER A 663 7.25 -16.90 -31.85
C SER A 663 6.20 -17.97 -32.06
N ARG A 664 6.49 -18.92 -32.93
CA ARG A 664 5.55 -20.00 -33.22
C ARG A 664 5.21 -20.88 -32.02
N LYS A 665 6.17 -21.11 -31.13
CA LYS A 665 5.91 -21.96 -29.97
C LYS A 665 5.07 -21.27 -28.88
N GLN A 666 4.93 -19.96 -28.98
CA GLN A 666 4.17 -19.23 -27.98
C GLN A 666 2.67 -19.32 -28.24
N ASN A 667 1.98 -20.15 -27.47
CA ASN A 667 0.54 -20.30 -27.60
C ASN A 667 -0.20 -19.68 -26.39
N ASN A 668 0.54 -19.36 -25.32
CA ASN A 668 -0.09 -18.72 -24.17
C ASN A 668 -0.22 -17.22 -24.49
N PRO A 669 -1.38 -16.62 -24.16
CA PRO A 669 -1.59 -15.20 -24.43
C PRO A 669 -0.80 -14.27 -23.52
N LEU A 670 -0.50 -13.09 -24.07
CA LEU A 670 0.25 -12.02 -23.39
C LEU A 670 -0.62 -10.77 -23.64
N LEU A 671 -1.39 -10.40 -22.62
CA LEU A 671 -2.37 -9.30 -22.75
C LEU A 671 -2.28 -8.22 -21.68
N ILE A 672 -2.90 -7.09 -21.98
CA ILE A 672 -2.99 -5.97 -21.04
C ILE A 672 -4.42 -5.44 -21.03
N HIS A 673 -4.86 -4.97 -19.86
CA HIS A 673 -6.18 -4.34 -19.77
C HIS A 673 -5.94 -3.01 -19.04
N VAL A 674 -6.27 -1.90 -19.71
CA VAL A 674 -6.11 -0.57 -19.16
C VAL A 674 -7.49 0.01 -18.81
N ASP A 675 -7.73 0.20 -17.52
CA ASP A 675 -9.01 0.73 -17.09
C ASP A 675 -9.06 2.26 -17.16
N THR A 676 -10.26 2.81 -17.16
CA THR A 676 -10.44 4.25 -17.17
C THR A 676 -10.94 4.72 -15.79
N LYS A 677 -10.73 6.00 -15.51
CA LYS A 677 -11.17 6.62 -14.26
C LYS A 677 -10.73 5.86 -13.02
N ALA A 678 -9.55 5.26 -13.12
CA ALA A 678 -8.98 4.48 -12.02
C ALA A 678 -7.48 4.75 -11.97
N GLY A 679 -6.88 4.44 -10.82
CA GLY A 679 -5.47 4.65 -10.63
C GLY A 679 -4.72 3.48 -10.04
N HIS A 680 -3.83 3.76 -9.10
CA HIS A 680 -2.99 2.72 -8.50
C HIS A 680 -3.76 1.66 -7.72
N GLY A 681 -4.91 2.04 -7.16
CA GLY A 681 -5.72 1.10 -6.41
C GLY A 681 -6.47 1.71 -5.24
N ALA A 682 -5.83 2.60 -4.50
CA ALA A 682 -6.49 3.23 -3.34
C ALA A 682 -7.76 3.95 -3.75
N GLY A 683 -8.83 3.74 -3.01
CA GLY A 683 -10.08 4.43 -3.31
C GLY A 683 -10.87 3.87 -4.46
N LYS A 684 -10.40 2.78 -5.06
CA LYS A 684 -11.13 2.19 -6.17
C LYS A 684 -12.54 1.77 -5.71
N PRO A 685 -13.57 2.16 -6.46
CA PRO A 685 -14.94 1.79 -6.06
C PRO A 685 -15.21 0.30 -6.13
N THR A 686 -16.12 -0.16 -5.28
CA THR A 686 -16.51 -1.57 -5.24
C THR A 686 -16.83 -2.17 -6.62
N ALA A 687 -17.56 -1.41 -7.43
CA ALA A 687 -17.93 -1.92 -8.76
C ALA A 687 -16.71 -2.28 -9.59
N LYS A 688 -15.67 -1.44 -9.52
CA LYS A 688 -14.44 -1.69 -10.28
C LYS A 688 -13.64 -2.83 -9.65
N VAL A 689 -13.65 -2.91 -8.33
CA VAL A 689 -12.93 -3.98 -7.63
C VAL A 689 -13.48 -5.32 -8.11
N ILE A 690 -14.79 -5.43 -8.18
CA ILE A 690 -15.45 -6.65 -8.62
C ILE A 690 -15.11 -6.98 -10.08
N GLU A 691 -15.09 -5.99 -10.96
CA GLU A 691 -14.76 -6.27 -12.35
C GLU A 691 -13.32 -6.75 -12.47
N GLU A 692 -12.44 -6.15 -11.66
CA GLU A 692 -11.03 -6.47 -11.69
C GLU A 692 -10.75 -7.92 -11.29
N VAL A 693 -11.28 -8.33 -10.14
CA VAL A 693 -11.04 -9.70 -9.72
C VAL A 693 -11.70 -10.70 -10.67
N SER A 694 -12.80 -10.29 -11.30
CA SER A 694 -13.48 -11.18 -12.25
C SER A 694 -12.59 -11.37 -13.47
N ASP A 695 -11.89 -10.31 -13.89
CA ASP A 695 -10.97 -10.41 -15.02
C ASP A 695 -9.81 -11.35 -14.67
N MET A 696 -9.26 -11.16 -13.47
CA MET A 696 -8.14 -11.97 -13.01
C MET A 696 -8.43 -13.47 -12.98
N PHE A 697 -9.50 -13.85 -12.31
CA PHE A 697 -9.81 -15.27 -12.20
C PHE A 697 -10.37 -15.91 -13.47
N ALA A 698 -10.95 -15.08 -14.34
CA ALA A 698 -11.42 -15.58 -15.64
C ALA A 698 -10.17 -15.86 -16.49
N PHE A 699 -9.15 -15.00 -16.38
CA PHE A 699 -7.92 -15.20 -17.14
C PHE A 699 -7.26 -16.51 -16.71
N ILE A 700 -7.17 -16.71 -15.41
CA ILE A 700 -6.57 -17.92 -14.85
C ILE A 700 -7.35 -19.16 -15.31
N ALA A 701 -8.67 -19.09 -15.20
CA ALA A 701 -9.51 -20.22 -15.59
C ALA A 701 -9.41 -20.60 -17.06
N ARG A 702 -9.42 -19.60 -17.93
CA ARG A 702 -9.33 -19.87 -19.36
C ARG A 702 -7.96 -20.41 -19.77
N CYS A 703 -6.91 -19.78 -19.26
CA CYS A 703 -5.56 -20.21 -19.62
C CYS A 703 -5.19 -21.59 -19.10
N LEU A 704 -5.62 -21.91 -17.89
CA LEU A 704 -5.30 -23.19 -17.30
C LEU A 704 -6.42 -24.23 -17.49
N ASN A 705 -7.50 -23.83 -18.17
CA ASN A 705 -8.63 -24.73 -18.44
C ASN A 705 -9.22 -25.28 -17.14
N ILE A 706 -9.58 -24.39 -16.22
CA ILE A 706 -10.13 -24.79 -14.94
C ILE A 706 -11.66 -24.70 -14.95
N ASP A 707 -12.33 -25.76 -14.55
CA ASP A 707 -13.78 -25.78 -14.49
C ASP A 707 -14.29 -25.17 -13.19
N TRP A 708 -15.42 -24.49 -13.26
CA TRP A 708 -16.03 -23.86 -12.10
C TRP A 708 -16.66 -24.98 -11.25
N ILE A 709 -16.50 -24.88 -9.94
CA ILE A 709 -17.07 -25.85 -9.01
C ILE A 709 -18.15 -25.08 -8.27
N PRO A 710 -19.43 -25.27 -8.65
CA PRO A 710 -20.58 -24.58 -8.05
C PRO A 710 -20.69 -24.73 -6.54
C1 GOL B . 12.81 26.25 6.75
O1 GOL B . 12.07 26.55 5.61
C2 GOL B . 14.24 25.89 6.38
O2 GOL B . 14.25 24.68 5.59
C3 GOL B . 15.09 25.74 7.63
O3 GOL B . 16.43 25.53 7.25
C1 P0H C . 5.18 5.99 -2.36
O1 P0H C . 5.78 6.35 -3.40
O2 P0H C . 4.52 6.86 -1.63
C2 P0H C . 4.77 8.21 -1.93
C3 P0H C . 5.73 8.86 -0.99
C4 P0H C . 7.10 8.73 -1.17
C5 P0H C . 7.99 9.30 -0.27
C6 P0H C . 7.52 10.04 0.80
C7 P0H C . 6.15 10.18 0.99
C8 P0H C . 5.26 9.60 0.10
N1 P0H C . 5.20 4.75 -1.92
CA1 P0H C . 5.89 3.70 -2.64
C9 P0H C . 5.04 3.10 -3.74
O3 P0H C . 3.87 3.45 -3.92
N P0H C . 5.65 2.20 -4.52
CA P0H C . 4.95 1.55 -5.62
C P0H C . 4.20 0.36 -5.07
O P0H C . 4.85 -0.69 -4.83
CB P0H C . 6.08 1.15 -6.58
CG P0H C . 7.27 0.92 -5.67
CD P0H C . 7.07 1.80 -4.44
OXT P0H C . 2.96 0.48 -4.90
#